data_4BZG
#
_entry.id   4BZG
#
_cell.length_a   82.461
_cell.length_b   84.202
_cell.length_c   125.445
_cell.angle_alpha   90.00
_cell.angle_beta   90.00
_cell.angle_gamma   90.00
#
_symmetry.space_group_name_H-M   'P 21 21 2'
#
loop_
_entity.id
_entity.type
_entity.pdbx_description
1 polymer 'ALDOSE 1-EPIMERASE'
2 branched alpha-D-glucopyranose-(1-4)-alpha-D-glucopyranose
3 non-polymer 'CITRIC ACID'
4 water water
#
_entity_poly.entity_id   1
_entity_poly.type   'polypeptide(L)'
_entity_poly.pdbx_seq_one_letter_code
;ANFIEKITYLGTPAIKAGNEHLEMIVVPEWGSNVISLVDKTTNVQLLREPETAESFHDTPTLYGIPILFPPNRISDGTFS
FRGRTYHFDINEKDKHNHLHGFLYHEKWNVVTTKQTDEGVIVETEIDLSELPHVQKQFPHHAVVRMTYTIKENTLFKHAT
VMNKGKEAFPWGIGYHTTFIFPAESSLFSLTADQQWELDERLLPTGKLMDVPYKEALHEGMDLRHKQLDDVFLSSYQKRG
GENQAVIYHQHAHISIIYKADEQFKHWVVYNADGKQGYLCPEPYTWVTNAVNLDLPSSLTGLQVLEPGEETTAKSSITIE
LNHQ
;
_entity_poly.pdbx_strand_id   A,B
#
# COMPACT_ATOMS: atom_id res chain seq x y z
N ALA A 1 3.98 15.96 2.20
CA ALA A 1 2.82 15.10 2.57
C ALA A 1 2.50 14.28 1.32
N ASN A 2 2.25 12.99 1.51
CA ASN A 2 2.03 12.04 0.39
C ASN A 2 1.11 10.90 0.85
N PHE A 3 0.50 10.21 -0.11
CA PHE A 3 -0.43 9.11 0.20
C PHE A 3 -0.22 7.93 -0.75
N ILE A 4 -0.64 6.75 -0.30
CA ILE A 4 -0.89 5.61 -1.21
C ILE A 4 -2.30 5.12 -1.00
N GLU A 5 -2.97 4.72 -2.08
CA GLU A 5 -4.34 4.32 -1.98
C GLU A 5 -4.64 3.23 -3.01
N LYS A 6 -5.03 2.05 -2.54
CA LYS A 6 -5.42 0.97 -3.47
C LYS A 6 -6.76 1.31 -4.10
N ILE A 7 -6.90 1.08 -5.39
CA ILE A 7 -8.15 1.44 -6.07
C ILE A 7 -8.48 0.41 -7.14
N THR A 8 -9.61 0.59 -7.79
CA THR A 8 -9.95 -0.18 -8.96
C THR A 8 -9.94 0.73 -10.18
N TYR A 9 -9.17 0.40 -11.21
CA TYR A 9 -9.12 1.26 -12.43
C TYR A 9 -9.71 0.46 -13.57
N LEU A 10 -10.90 0.85 -14.02
CA LEU A 10 -11.62 0.12 -15.06
C LEU A 10 -11.70 -1.38 -14.73
N GLY A 11 -12.02 -1.74 -13.50
CA GLY A 11 -12.26 -3.14 -13.17
C GLY A 11 -10.99 -3.92 -12.84
N THR A 12 -9.83 -3.26 -12.86
CA THR A 12 -8.56 -3.89 -12.50
C THR A 12 -7.95 -3.22 -11.24
N PRO A 13 -7.38 -4.02 -10.31
CA PRO A 13 -6.67 -3.43 -9.16
C PRO A 13 -5.53 -2.50 -9.58
N ALA A 14 -5.31 -1.46 -8.80
CA ALA A 14 -4.35 -0.42 -9.14
C ALA A 14 -3.98 0.33 -7.87
N ILE A 15 -2.89 1.07 -7.95
CA ILE A 15 -2.38 1.82 -6.85
C ILE A 15 -2.24 3.28 -7.26
N LYS A 16 -2.97 4.14 -6.58
CA LYS A 16 -2.86 5.56 -6.73
C LYS A 16 -1.85 6.05 -5.70
N ALA A 17 -0.91 6.88 -6.12
CA ALA A 17 0.08 7.41 -5.17
C ALA A 17 0.37 8.83 -5.58
N GLY A 18 0.75 9.66 -4.61
CA GLY A 18 0.97 11.06 -4.93
C GLY A 18 1.35 11.96 -3.76
N ASN A 19 1.69 13.20 -4.10
CA ASN A 19 1.91 14.22 -3.09
C ASN A 19 0.98 15.38 -3.46
N GLU A 20 1.32 16.58 -3.01
CA GLU A 20 0.45 17.71 -3.31
C GLU A 20 0.67 18.27 -4.71
N HIS A 21 1.68 17.80 -5.45
CA HIS A 21 1.96 18.32 -6.80
C HIS A 21 1.51 17.41 -7.93
N LEU A 22 1.77 16.11 -7.77
CA LEU A 22 1.49 15.10 -8.77
C LEU A 22 0.78 13.90 -8.16
N GLU A 23 -0.11 13.29 -8.94
CA GLU A 23 -0.69 11.96 -8.64
C GLU A 23 -0.53 10.99 -9.83
N MET A 24 -0.04 9.79 -9.54
CA MET A 24 0.02 8.69 -10.54
C MET A 24 -0.95 7.58 -10.21
N ILE A 25 -1.30 6.77 -11.21
CA ILE A 25 -1.94 5.49 -10.97
C ILE A 25 -1.13 4.47 -11.73
N VAL A 26 -0.65 3.45 -11.03
CA VAL A 26 0.05 2.34 -11.71
C VAL A 26 -0.88 1.11 -11.67
N VAL A 27 -0.88 0.32 -12.74
CA VAL A 27 -1.75 -0.84 -12.88
C VAL A 27 -0.90 -2.10 -13.10
N PRO A 28 -0.52 -2.79 -11.99
CA PRO A 28 0.43 -3.89 -12.01
C PRO A 28 0.07 -4.99 -13.03
N GLU A 29 -1.20 -5.38 -13.11
CA GLU A 29 -1.61 -6.43 -14.02
C GLU A 29 -1.48 -5.99 -15.47
N TRP A 30 -1.57 -4.69 -15.73
CA TRP A 30 -1.46 -4.23 -17.10
C TRP A 30 -0.03 -3.87 -17.47
N GLY A 31 0.91 -4.80 -17.28
CA GLY A 31 2.31 -4.58 -17.61
C GLY A 31 2.93 -3.45 -16.80
N SER A 32 2.51 -3.35 -15.53
CA SER A 32 2.95 -2.27 -14.65
C SER A 32 2.86 -0.92 -15.37
N ASN A 33 1.73 -0.65 -16.03
CA ASN A 33 1.61 0.59 -16.81
C ASN A 33 1.22 1.72 -15.86
N VAL A 34 1.95 2.85 -15.90
CA VAL A 34 1.52 4.09 -15.26
C VAL A 34 0.51 4.73 -16.20
N ILE A 35 -0.77 4.53 -15.87
CA ILE A 35 -1.88 4.77 -16.79
C ILE A 35 -2.37 6.22 -16.67
N SER A 36 -2.05 6.87 -15.55
CA SER A 36 -2.51 8.21 -15.25
C SER A 36 -1.43 9.02 -14.54
N LEU A 37 -1.28 10.28 -14.92
CA LEU A 37 -0.35 11.21 -14.27
C LEU A 37 -0.97 12.58 -14.28
N VAL A 38 -1.34 13.08 -13.10
CA VAL A 38 -2.15 14.28 -12.98
C VAL A 38 -1.33 15.38 -12.28
N ASP A 39 -1.35 16.55 -12.88
CA ASP A 39 -0.76 17.73 -12.29
C ASP A 39 -1.82 18.31 -11.35
N LYS A 40 -1.53 18.29 -10.05
CA LYS A 40 -2.50 18.62 -9.01
C LYS A 40 -2.87 20.10 -8.90
N THR A 41 -1.94 20.99 -9.21
CA THR A 41 -2.24 22.41 -9.06
C THR A 41 -3.37 22.82 -10.05
N THR A 42 -3.23 22.44 -11.32
CA THR A 42 -4.18 22.80 -12.36
C THR A 42 -5.22 21.69 -12.63
N ASN A 43 -5.04 20.53 -11.98
CA ASN A 43 -5.85 19.34 -12.22
C ASN A 43 -5.97 18.81 -13.66
N VAL A 44 -4.85 18.88 -14.37
CA VAL A 44 -4.77 18.37 -15.74
C VAL A 44 -4.16 16.94 -15.79
N GLN A 45 -4.84 16.06 -16.53
CA GLN A 45 -4.30 14.76 -16.81
C GLN A 45 -3.21 14.91 -17.89
N LEU A 46 -2.06 14.27 -17.70
CA LEU A 46 -0.97 14.43 -18.68
C LEU A 46 -0.86 13.31 -19.70
N LEU A 47 -1.31 12.11 -19.30
CA LEU A 47 -1.17 10.91 -20.12
C LEU A 47 -2.50 10.64 -20.86
N ARG A 48 -2.39 10.03 -22.04
CA ARG A 48 -3.57 9.45 -22.69
C ARG A 48 -4.11 8.23 -21.91
N GLU A 49 -5.36 8.32 -21.48
CA GLU A 49 -6.05 7.24 -20.73
C GLU A 49 -7.01 6.46 -21.63
N PRO A 50 -7.19 5.13 -21.39
CA PRO A 50 -8.14 4.38 -22.20
C PRO A 50 -9.59 4.69 -21.83
N GLU A 51 -10.48 4.72 -22.83
CA GLU A 51 -11.91 4.90 -22.57
C GLU A 51 -12.44 3.74 -21.74
N THR A 52 -12.18 2.51 -22.19
CA THR A 52 -12.60 1.29 -21.51
C THR A 52 -11.44 0.32 -21.40
N ALA A 53 -11.63 -0.71 -20.58
CA ALA A 53 -10.65 -1.77 -20.39
C ALA A 53 -10.36 -2.41 -21.74
N GLU A 54 -11.44 -2.57 -22.49
CA GLU A 54 -11.41 -3.22 -23.79
C GLU A 54 -10.50 -2.47 -24.76
N SER A 55 -10.64 -1.15 -24.83
CA SER A 55 -9.83 -0.39 -25.76
C SER A 55 -8.34 -0.41 -25.34
N PHE A 56 -8.10 -0.44 -24.03
CA PHE A 56 -6.73 -0.55 -23.53
C PHE A 56 -6.10 -1.87 -24.04
N HIS A 57 -6.78 -3.01 -23.81
CA HIS A 57 -6.31 -4.30 -24.33
C HIS A 57 -6.18 -4.33 -25.83
N ASP A 58 -6.97 -3.56 -26.55
CA ASP A 58 -6.76 -3.47 -28.00
C ASP A 58 -5.42 -2.88 -28.37
N THR A 59 -5.02 -1.80 -27.68
CA THR A 59 -3.72 -1.16 -28.01
C THR A 59 -2.98 -0.80 -26.70
N PRO A 60 -2.39 -1.80 -26.01
CA PRO A 60 -1.77 -1.55 -24.68
C PRO A 60 -0.44 -0.75 -24.68
N THR A 61 0.09 -0.48 -25.88
CA THR A 61 1.31 0.32 -26.03
C THR A 61 0.97 1.79 -26.34
N LEU A 62 -0.31 2.14 -26.38
CA LEU A 62 -0.74 3.49 -26.78
C LEU A 62 -1.50 4.24 -25.67
N TYR A 63 -1.27 3.86 -24.42
CA TYR A 63 -1.86 4.59 -23.29
C TYR A 63 -0.87 4.60 -22.17
N GLY A 64 -0.87 5.66 -21.35
CA GLY A 64 -0.04 5.75 -20.17
C GLY A 64 1.44 5.56 -20.46
N ILE A 65 2.10 4.71 -19.66
CA ILE A 65 3.56 4.45 -19.77
C ILE A 65 3.82 2.94 -19.87
N PRO A 66 3.72 2.37 -21.10
CA PRO A 66 3.95 0.98 -21.36
C PRO A 66 5.46 0.68 -21.40
N ILE A 67 5.83 -0.52 -20.93
CA ILE A 67 7.25 -0.88 -20.78
C ILE A 67 7.61 -1.81 -21.91
N LEU A 68 8.66 -1.43 -22.64
CA LEU A 68 9.06 -2.16 -23.86
C LEU A 68 10.42 -2.83 -23.64
N PHE A 69 10.36 -4.13 -23.38
CA PHE A 69 11.53 -4.94 -23.02
C PHE A 69 11.58 -6.19 -23.90
N PRO A 70 12.35 -6.13 -25.00
CA PRO A 70 13.12 -4.98 -25.50
C PRO A 70 12.27 -4.06 -26.41
N PRO A 71 12.74 -2.83 -26.66
CA PRO A 71 11.90 -1.87 -27.40
C PRO A 71 11.89 -2.04 -28.90
N ASN A 72 10.71 -1.79 -29.49
CA ASN A 72 10.52 -1.68 -30.94
C ASN A 72 10.82 -2.99 -31.67
N ARG A 73 11.32 -2.93 -32.91
CA ARG A 73 11.31 -4.08 -33.82
C ARG A 73 12.58 -4.94 -33.80
N ILE A 74 12.41 -6.28 -33.91
CA ILE A 74 13.54 -7.18 -34.22
C ILE A 74 13.23 -7.93 -35.55
N SER A 75 14.02 -7.71 -36.60
CA SER A 75 13.65 -8.25 -37.92
C SER A 75 13.48 -9.77 -37.91
N ASP A 76 12.33 -10.23 -38.42
CA ASP A 76 11.97 -11.65 -38.46
C ASP A 76 11.93 -12.28 -37.07
N GLY A 77 11.86 -11.45 -36.01
CA GLY A 77 12.04 -11.94 -34.62
C GLY A 77 13.28 -12.80 -34.38
N THR A 78 14.30 -12.68 -35.23
CA THR A 78 15.52 -13.49 -35.11
C THR A 78 16.79 -12.69 -34.96
N PHE A 79 17.74 -13.24 -34.19
CA PHE A 79 19.07 -12.64 -34.05
C PHE A 79 19.96 -13.70 -33.44
N SER A 80 21.28 -13.53 -33.52
CA SER A 80 22.18 -14.34 -32.72
C SER A 80 22.98 -13.51 -31.72
N PHE A 81 23.36 -14.16 -30.63
CA PHE A 81 24.14 -13.52 -29.61
C PHE A 81 25.12 -14.57 -29.14
N ARG A 82 26.40 -14.22 -29.18
CA ARG A 82 27.49 -15.14 -28.82
C ARG A 82 27.36 -16.60 -29.38
N GLY A 83 27.07 -16.69 -30.68
CA GLY A 83 27.00 -17.98 -31.34
C GLY A 83 25.62 -18.58 -31.37
N ARG A 84 24.76 -18.13 -30.44
CA ARG A 84 23.42 -18.70 -30.23
C ARG A 84 22.29 -17.99 -31.03
N THR A 85 21.40 -18.75 -31.70
CA THR A 85 20.27 -18.13 -32.43
C THR A 85 18.98 -18.09 -31.62
N TYR A 86 18.30 -16.95 -31.63
CA TYR A 86 17.00 -16.75 -30.92
C TYR A 86 15.88 -16.51 -31.89
N HIS A 87 14.68 -17.05 -31.60
CA HIS A 87 13.46 -16.78 -32.36
C HIS A 87 12.38 -16.28 -31.43
N PHE A 88 12.03 -14.98 -31.56
CA PHE A 88 10.91 -14.34 -30.84
C PHE A 88 9.67 -14.39 -31.71
N ASP A 89 8.47 -14.44 -31.11
CA ASP A 89 7.19 -14.35 -31.86
C ASP A 89 7.16 -13.18 -32.83
N ILE A 90 6.74 -13.47 -34.04
CA ILE A 90 6.59 -12.46 -35.09
C ILE A 90 5.17 -11.89 -34.95
N ASN A 91 5.01 -10.92 -34.07
CA ASN A 91 3.68 -10.41 -33.82
C ASN A 91 3.29 -9.25 -34.75
N GLU A 92 4.26 -8.69 -35.48
CA GLU A 92 3.99 -7.68 -36.50
C GLU A 92 4.07 -8.32 -37.89
N LYS A 93 2.91 -8.72 -38.39
CA LYS A 93 2.80 -9.57 -39.57
C LYS A 93 3.19 -8.93 -40.90
N ASP A 94 2.57 -7.82 -41.25
CA ASP A 94 2.87 -7.20 -42.56
C ASP A 94 4.36 -6.88 -42.70
N LYS A 95 5.04 -6.56 -41.61
CA LYS A 95 6.47 -6.30 -41.70
C LYS A 95 7.37 -7.46 -41.23
N HIS A 96 6.78 -8.60 -40.88
CA HIS A 96 7.56 -9.77 -40.44
C HIS A 96 8.58 -9.44 -39.37
N ASN A 97 8.16 -8.70 -38.34
CA ASN A 97 9.03 -8.36 -37.21
C ASN A 97 8.43 -8.88 -35.92
N HIS A 98 9.29 -9.06 -34.91
CA HIS A 98 8.84 -9.08 -33.52
C HIS A 98 8.77 -7.61 -33.11
N LEU A 99 7.74 -7.22 -32.36
CA LEU A 99 7.56 -5.79 -32.01
C LEU A 99 7.19 -5.62 -30.52
N HIS A 100 8.02 -4.88 -29.79
CA HIS A 100 7.74 -4.40 -28.42
C HIS A 100 7.96 -5.31 -27.20
N GLY A 101 8.54 -6.47 -27.42
CA GLY A 101 9.01 -7.29 -26.31
C GLY A 101 7.97 -8.03 -25.50
N PHE A 102 8.33 -8.34 -24.26
CA PHE A 102 7.71 -9.42 -23.50
C PHE A 102 6.79 -8.96 -22.38
N LEU A 103 6.79 -7.67 -22.06
CA LEU A 103 6.32 -7.27 -20.70
C LEU A 103 5.09 -6.36 -20.60
N TYR A 104 4.65 -5.76 -21.71
CA TYR A 104 3.64 -4.69 -21.61
C TYR A 104 2.23 -5.29 -21.40
N HIS A 105 2.11 -6.60 -21.62
CA HIS A 105 0.85 -7.31 -21.44
C HIS A 105 0.97 -8.48 -20.46
N GLU A 106 1.86 -8.38 -19.48
CA GLU A 106 1.92 -9.41 -18.45
C GLU A 106 1.64 -8.75 -17.10
N LYS A 107 1.37 -9.61 -16.12
CA LYS A 107 1.09 -9.20 -14.75
C LYS A 107 2.39 -9.03 -13.99
N TRP A 108 2.62 -7.84 -13.44
CA TRP A 108 3.76 -7.60 -12.54
C TRP A 108 3.29 -7.62 -11.11
N ASN A 109 4.19 -7.96 -10.17
CA ASN A 109 3.88 -8.01 -8.72
C ASN A 109 4.27 -6.70 -8.06
N VAL A 110 3.52 -6.25 -7.05
CA VAL A 110 3.92 -5.08 -6.29
C VAL A 110 4.93 -5.56 -5.26
N VAL A 111 6.18 -5.08 -5.30
CA VAL A 111 7.12 -5.64 -4.31
C VAL A 111 7.18 -4.87 -3.01
N THR A 112 7.10 -3.56 -3.08
CA THR A 112 7.01 -2.74 -1.86
C THR A 112 6.45 -1.35 -2.14
N THR A 113 6.12 -0.64 -1.06
CA THR A 113 5.88 0.80 -1.11
C THR A 113 6.60 1.41 0.08
N LYS A 114 6.97 2.68 -0.03
CA LYS A 114 7.68 3.35 1.05
C LYS A 114 7.33 4.82 0.99
N GLN A 115 7.09 5.43 2.16
CA GLN A 115 6.73 6.85 2.25
C GLN A 115 7.56 7.52 3.34
N THR A 116 8.19 8.65 2.99
CA THR A 116 8.99 9.46 3.90
C THR A 116 8.89 10.91 3.47
N ASP A 117 9.65 11.80 4.12
CA ASP A 117 9.86 13.17 3.60
C ASP A 117 10.45 13.22 2.19
N GLU A 118 11.31 12.27 1.88
CA GLU A 118 11.95 12.17 0.56
C GLU A 118 11.00 11.73 -0.59
N GLY A 119 9.69 11.60 -0.30
CA GLY A 119 8.73 11.17 -1.33
C GLY A 119 8.07 9.81 -1.16
N VAL A 120 7.24 9.47 -2.14
CA VAL A 120 6.48 8.23 -2.12
C VAL A 120 7.00 7.27 -3.21
N ILE A 121 7.30 6.04 -2.81
CA ILE A 121 7.90 5.08 -3.69
C ILE A 121 6.93 3.90 -3.90
N VAL A 122 6.68 3.49 -5.14
CA VAL A 122 6.01 2.22 -5.46
C VAL A 122 6.97 1.37 -6.30
N GLU A 123 7.19 0.11 -5.94
CA GLU A 123 8.04 -0.77 -6.73
C GLU A 123 7.29 -2.00 -7.24
N THR A 124 7.43 -2.29 -8.52
CA THR A 124 6.82 -3.47 -9.14
C THR A 124 7.92 -4.35 -9.71
N GLU A 125 7.62 -5.64 -9.95
CA GLU A 125 8.63 -6.53 -10.47
C GLU A 125 8.00 -7.68 -11.26
N ILE A 126 8.75 -8.16 -12.26
CA ILE A 126 8.38 -9.38 -12.97
C ILE A 126 9.62 -10.23 -13.25
N ASP A 127 9.48 -11.55 -13.06
CA ASP A 127 10.57 -12.48 -13.31
C ASP A 127 10.31 -13.28 -14.58
N LEU A 128 11.08 -13.06 -15.65
CA LEU A 128 10.71 -13.70 -16.94
C LEU A 128 10.82 -15.23 -16.86
N SER A 129 11.47 -15.77 -15.81
CA SER A 129 11.67 -17.23 -15.74
C SER A 129 10.36 -17.90 -15.35
N GLU A 130 9.40 -17.10 -14.87
CA GLU A 130 8.09 -17.58 -14.49
C GLU A 130 7.06 -17.49 -15.65
N LEU A 131 7.48 -17.03 -16.82
CA LEU A 131 6.61 -16.89 -17.97
C LEU A 131 7.04 -17.93 -19.00
N PRO A 132 6.37 -19.08 -19.02
CA PRO A 132 6.84 -20.20 -19.88
C PRO A 132 6.90 -19.83 -21.37
N HIS A 133 5.92 -19.08 -21.85
CA HIS A 133 5.94 -18.73 -23.26
C HIS A 133 7.07 -17.78 -23.56
N VAL A 134 7.41 -16.91 -22.59
CA VAL A 134 8.56 -16.04 -22.77
C VAL A 134 9.87 -16.85 -22.80
N GLN A 135 9.95 -17.89 -21.96
CA GLN A 135 11.15 -18.74 -21.87
C GLN A 135 11.44 -19.54 -23.14
N LYS A 136 10.36 -19.96 -23.84
CA LYS A 136 10.43 -20.60 -25.13
C LYS A 136 11.14 -19.70 -26.17
N GLN A 137 10.93 -18.38 -26.08
CA GLN A 137 11.59 -17.38 -26.95
C GLN A 137 12.96 -16.88 -26.46
N PHE A 138 13.09 -16.79 -25.15
CA PHE A 138 14.22 -16.12 -24.55
C PHE A 138 14.61 -16.86 -23.28
N PRO A 139 15.36 -17.99 -23.42
CA PRO A 139 15.53 -18.83 -22.21
C PRO A 139 16.56 -18.32 -21.18
N HIS A 140 16.27 -17.21 -20.51
CA HIS A 140 17.21 -16.61 -19.55
C HIS A 140 16.45 -16.08 -18.40
N HIS A 141 17.12 -16.02 -17.26
CA HIS A 141 16.48 -15.65 -16.03
C HIS A 141 16.69 -14.16 -15.77
N ALA A 142 15.99 -13.36 -16.59
CA ALA A 142 15.93 -11.91 -16.50
C ALA A 142 14.85 -11.59 -15.49
N VAL A 143 15.14 -10.62 -14.65
CA VAL A 143 14.15 -10.06 -13.70
C VAL A 143 14.20 -8.55 -13.88
N VAL A 144 13.02 -7.93 -14.05
CA VAL A 144 12.93 -6.47 -14.19
C VAL A 144 12.13 -5.89 -13.03
N ARG A 145 12.72 -4.89 -12.37
CA ARG A 145 12.07 -4.19 -11.28
C ARG A 145 11.95 -2.71 -11.64
N MET A 146 10.73 -2.16 -11.55
CA MET A 146 10.48 -0.73 -11.73
C MET A 146 10.40 -0.12 -10.35
N THR A 147 11.09 1.01 -10.20
CA THR A 147 10.99 1.89 -9.01
C THR A 147 10.43 3.24 -9.42
N TYR A 148 9.17 3.49 -9.01
CA TYR A 148 8.53 4.79 -9.22
C TYR A 148 8.64 5.68 -7.99
N THR A 149 9.18 6.87 -8.16
CA THR A 149 9.23 7.82 -7.02
C THR A 149 8.59 9.15 -7.37
N ILE A 150 7.56 9.54 -6.62
CA ILE A 150 7.09 10.91 -6.73
C ILE A 150 7.73 11.72 -5.62
N LYS A 151 8.45 12.76 -6.03
CA LYS A 151 9.06 13.71 -5.10
C LYS A 151 8.96 15.09 -5.69
N GLU A 152 8.41 16.03 -4.91
CA GLU A 152 8.09 17.40 -5.37
C GLU A 152 7.26 17.40 -6.67
N ASN A 153 7.78 18.04 -7.73
CA ASN A 153 7.16 18.14 -9.06
C ASN A 153 7.64 17.06 -10.09
N THR A 154 8.22 15.96 -9.61
CA THR A 154 8.82 14.96 -10.50
C THR A 154 8.44 13.52 -10.20
N LEU A 155 8.05 12.82 -11.26
CA LEU A 155 7.96 11.37 -11.20
C LEU A 155 9.29 10.76 -11.70
N PHE A 156 10.04 10.10 -10.81
CA PHE A 156 11.24 9.33 -11.21
C PHE A 156 10.78 7.90 -11.46
N LYS A 157 11.42 7.29 -12.45
CA LYS A 157 10.99 6.09 -13.09
C LYS A 157 12.27 5.29 -13.46
N HIS A 158 12.69 4.39 -12.57
CA HIS A 158 13.95 3.61 -12.70
C HIS A 158 13.70 2.14 -13.01
N ALA A 159 14.39 1.61 -14.00
CA ALA A 159 14.30 0.18 -14.29
C ALA A 159 15.62 -0.46 -13.90
N THR A 160 15.53 -1.50 -13.06
CA THR A 160 16.70 -2.30 -12.67
C THR A 160 16.55 -3.67 -13.32
N VAL A 161 17.53 -4.00 -14.17
CA VAL A 161 17.48 -5.27 -14.92
C VAL A 161 18.55 -6.21 -14.35
N MET A 162 18.13 -7.42 -13.98
CA MET A 162 19.00 -8.37 -13.28
C MET A 162 19.10 -9.67 -14.07
N ASN A 163 20.30 -10.23 -14.11
CA ASN A 163 20.54 -11.56 -14.64
C ASN A 163 20.69 -12.51 -13.45
N LYS A 164 19.64 -13.28 -13.18
CA LYS A 164 19.70 -14.25 -12.11
C LYS A 164 19.95 -15.67 -12.58
N GLY A 165 20.40 -15.81 -13.83
CA GLY A 165 20.66 -17.11 -14.44
C GLY A 165 22.15 -17.41 -14.61
N LYS A 166 22.44 -18.42 -15.42
CA LYS A 166 23.80 -18.98 -15.54
C LYS A 166 24.48 -18.57 -16.85
N GLU A 167 23.73 -17.97 -17.77
CA GLU A 167 24.32 -17.43 -19.01
C GLU A 167 24.00 -15.96 -19.22
N ALA A 168 24.90 -15.28 -19.98
CA ALA A 168 24.79 -13.86 -20.28
C ALA A 168 23.66 -13.63 -21.27
N PHE A 169 23.07 -12.44 -21.25
CA PHE A 169 22.08 -12.03 -22.25
C PHE A 169 22.16 -10.54 -22.63
N PRO A 170 21.88 -10.22 -23.91
CA PRO A 170 21.73 -8.82 -24.37
C PRO A 170 20.39 -8.27 -23.86
N TRP A 171 20.29 -6.98 -23.59
CA TRP A 171 18.97 -6.43 -23.26
C TRP A 171 18.94 -4.96 -23.63
N GLY A 172 17.73 -4.44 -23.82
CA GLY A 172 17.49 -3.02 -23.87
C GLY A 172 16.08 -2.81 -23.33
N ILE A 173 15.78 -1.56 -22.96
CA ILE A 173 14.45 -1.18 -22.50
C ILE A 173 14.07 0.18 -23.07
N GLY A 174 12.75 0.39 -23.24
CA GLY A 174 12.22 1.68 -23.71
C GLY A 174 10.86 1.86 -23.10
N TYR A 175 10.29 3.06 -23.24
CA TYR A 175 8.93 3.31 -22.75
C TYR A 175 8.08 3.88 -23.87
N HIS A 176 6.82 3.46 -23.96
CA HIS A 176 5.96 3.97 -25.03
C HIS A 176 5.08 5.13 -24.55
N THR A 177 5.63 5.92 -23.61
CA THR A 177 4.98 7.00 -22.89
C THR A 177 4.08 7.81 -23.86
N THR A 178 2.77 7.90 -23.59
CA THR A 178 1.82 8.55 -24.50
C THR A 178 1.20 9.76 -23.82
N PHE A 179 1.65 10.96 -24.21
CA PHE A 179 1.14 12.19 -23.64
C PHE A 179 -0.02 12.75 -24.45
N ILE A 180 -1.00 13.34 -23.76
CA ILE A 180 -1.96 14.24 -24.45
C ILE A 180 -1.19 15.34 -25.14
N PHE A 181 -1.47 15.57 -26.43
CA PHE A 181 -0.76 16.59 -27.28
C PHE A 181 -1.73 17.19 -28.30
N PRO A 182 -2.46 18.24 -27.91
CA PRO A 182 -3.35 18.91 -28.88
C PRO A 182 -2.52 19.68 -29.90
N ALA A 183 -2.67 19.35 -31.18
CA ALA A 183 -1.76 19.78 -32.26
C ALA A 183 -1.70 21.27 -32.42
N GLU A 184 -2.83 21.90 -32.16
CA GLU A 184 -2.94 23.33 -32.24
C GLU A 184 -2.23 24.12 -31.18
N SER A 185 -2.23 23.62 -29.96
CA SER A 185 -1.76 24.45 -28.86
C SER A 185 -0.61 23.82 -28.01
N SER A 186 0.19 22.93 -28.61
CA SER A 186 1.32 22.35 -27.86
C SER A 186 2.60 22.44 -28.66
N LEU A 187 3.73 22.51 -27.96
CA LEU A 187 5.06 22.54 -28.61
C LEU A 187 5.92 21.37 -28.15
N PHE A 188 6.86 20.95 -28.99
CA PHE A 188 7.73 19.81 -28.68
C PHE A 188 9.21 20.16 -28.94
N SER A 189 10.07 19.76 -28.03
CA SER A 189 11.50 19.87 -28.32
C SER A 189 12.23 18.57 -27.95
N LEU A 190 13.36 18.34 -28.59
CA LEU A 190 14.11 17.11 -28.34
C LEU A 190 15.59 17.37 -28.53
N THR A 191 16.41 16.82 -27.63
CA THR A 191 17.88 16.88 -27.74
C THR A 191 18.37 15.84 -28.75
N ALA A 192 18.28 16.16 -30.05
CA ALA A 192 18.80 15.27 -31.09
C ALA A 192 19.25 16.10 -32.29
N ASP A 193 20.34 15.67 -32.96
CA ASP A 193 20.82 16.35 -34.16
C ASP A 193 20.72 15.45 -35.39
N GLN A 194 20.67 14.13 -35.18
CA GLN A 194 20.67 13.12 -36.26
C GLN A 194 19.59 12.06 -35.97
N GLN A 195 19.23 11.32 -37.00
CA GLN A 195 18.28 10.24 -36.87
C GLN A 195 18.69 9.06 -37.75
N TRP A 196 18.16 7.88 -37.42
CA TRP A 196 18.43 6.66 -38.18
C TRP A 196 17.54 6.58 -39.40
N GLU A 197 18.18 6.40 -40.57
CA GLU A 197 17.48 6.04 -41.78
C GLU A 197 16.80 4.69 -41.64
N LEU A 198 15.52 4.62 -42.02
CA LEU A 198 14.71 3.41 -41.88
C LEU A 198 14.29 2.87 -43.22
N ASP A 199 14.23 1.55 -43.36
CA ASP A 199 13.66 0.97 -44.59
C ASP A 199 12.13 0.87 -44.47
N GLU A 200 11.49 0.24 -45.45
CA GLU A 200 10.03 0.16 -45.46
C GLU A 200 9.46 -0.78 -44.38
N ARG A 201 10.32 -1.53 -43.70
CA ARG A 201 9.91 -2.38 -42.56
C ARG A 201 10.22 -1.71 -41.24
N LEU A 202 10.53 -0.40 -41.29
CA LEU A 202 10.88 0.40 -40.13
C LEU A 202 12.11 -0.11 -39.35
N LEU A 203 13.05 -0.69 -40.10
CA LEU A 203 14.32 -1.19 -39.57
C LEU A 203 15.42 -0.26 -40.04
N PRO A 204 16.41 0.00 -39.20
CA PRO A 204 17.54 0.87 -39.58
C PRO A 204 18.37 0.24 -40.71
N THR A 205 18.78 1.07 -41.68
CA THR A 205 19.73 0.61 -42.69
C THR A 205 21.15 0.66 -42.16
N GLY A 206 21.34 1.33 -41.04
CA GLY A 206 22.66 1.45 -40.46
C GLY A 206 23.23 2.84 -40.68
N LYS A 207 22.63 3.60 -41.60
CA LYS A 207 23.03 4.98 -41.84
C LYS A 207 22.31 6.03 -40.98
N LEU A 208 23.07 7.04 -40.55
CA LEU A 208 22.53 8.22 -39.88
C LEU A 208 22.37 9.36 -40.88
N MET A 209 21.46 10.29 -40.60
CA MET A 209 21.31 11.49 -41.42
C MET A 209 21.01 12.66 -40.51
N ASP A 210 21.43 13.87 -40.92
CA ASP A 210 21.08 15.10 -40.21
C ASP A 210 19.57 15.32 -40.20
N VAL A 211 19.10 15.89 -39.11
CA VAL A 211 17.71 16.29 -38.99
C VAL A 211 17.75 17.69 -39.57
N PRO A 212 17.06 17.90 -40.71
CA PRO A 212 17.15 19.21 -41.39
C PRO A 212 16.58 20.37 -40.51
N TYR A 213 15.56 20.09 -39.72
CA TYR A 213 14.92 21.13 -38.93
C TYR A 213 15.41 21.09 -37.48
N LYS A 214 16.68 20.72 -37.27
CA LYS A 214 17.16 20.46 -35.92
C LYS A 214 17.13 21.67 -34.96
N GLU A 215 17.39 22.89 -35.45
CA GLU A 215 17.27 24.11 -34.64
C GLU A 215 15.86 24.26 -34.10
N ALA A 216 14.87 24.01 -34.99
CA ALA A 216 13.49 24.10 -34.61
C ALA A 216 13.22 23.07 -33.51
N LEU A 217 13.70 21.84 -33.73
CA LEU A 217 13.46 20.72 -32.80
C LEU A 217 14.11 21.01 -31.46
N HIS A 218 15.28 21.65 -31.50
CA HIS A 218 15.97 22.03 -30.25
C HIS A 218 15.22 23.00 -29.42
N GLU A 219 14.69 24.03 -30.05
CA GLU A 219 14.04 25.11 -29.30
C GLU A 219 12.58 24.87 -28.99
N GLY A 220 11.90 24.01 -29.73
CA GLY A 220 10.45 23.89 -29.51
C GLY A 220 9.70 24.23 -30.78
N MET A 221 9.00 23.24 -31.34
CA MET A 221 8.25 23.43 -32.60
C MET A 221 6.84 22.82 -32.50
N ASP A 222 5.93 23.29 -33.33
CA ASP A 222 4.64 22.64 -33.45
C ASP A 222 4.82 21.43 -34.38
N LEU A 223 3.91 20.47 -34.26
CA LEU A 223 3.89 19.30 -35.13
C LEU A 223 2.64 19.26 -35.99
N ARG A 224 2.05 20.43 -36.31
CA ARG A 224 0.93 20.44 -37.26
C ARG A 224 1.46 19.95 -38.61
N HIS A 225 0.68 19.12 -39.31
CA HIS A 225 1.14 18.46 -40.57
C HIS A 225 2.56 17.91 -40.54
N LYS A 226 2.93 17.25 -39.45
CA LYS A 226 4.13 16.42 -39.48
C LYS A 226 3.71 15.09 -38.92
N GLN A 227 3.89 14.05 -39.72
CA GLN A 227 3.67 12.69 -39.23
C GLN A 227 5.00 12.08 -38.84
N LEU A 228 5.15 11.72 -37.58
CA LEU A 228 6.42 11.21 -37.08
C LEU A 228 6.30 9.77 -36.70
N ASP A 229 7.28 8.99 -37.13
CA ASP A 229 7.54 7.63 -36.61
C ASP A 229 9.03 7.37 -36.84
N ASP A 230 9.84 8.13 -36.10
CA ASP A 230 11.24 8.44 -36.42
C ASP A 230 12.10 8.04 -35.26
N VAL A 231 13.26 7.45 -35.58
CA VAL A 231 14.22 7.00 -34.56
C VAL A 231 15.36 8.04 -34.51
N PHE A 232 15.28 8.95 -33.56
CA PHE A 232 16.32 9.97 -33.34
C PHE A 232 17.45 9.48 -32.46
N LEU A 233 18.66 9.94 -32.78
CA LEU A 233 19.84 9.68 -31.96
C LEU A 233 19.97 10.85 -30.99
N SER A 234 19.98 10.56 -29.71
CA SER A 234 20.24 11.59 -28.74
C SER A 234 21.58 12.34 -29.03
N SER A 235 21.55 13.67 -28.95
CA SER A 235 22.77 14.49 -29.14
C SER A 235 23.78 14.33 -28.01
N TYR A 236 23.34 13.75 -26.89
CA TYR A 236 24.20 13.68 -25.70
C TYR A 236 25.59 13.02 -25.93
N GLN A 237 25.58 11.82 -26.52
CA GLN A 237 26.81 11.06 -26.78
C GLN A 237 27.87 11.97 -27.44
N LYS A 238 27.51 12.67 -28.52
CA LYS A 238 28.44 13.53 -29.24
C LYS A 238 28.73 14.94 -28.66
N ARG A 239 27.72 15.65 -28.15
CA ARG A 239 27.85 17.07 -27.74
C ARG A 239 27.74 17.29 -26.23
N GLY A 240 27.41 16.25 -25.48
CA GLY A 240 27.00 16.47 -24.09
C GLY A 240 25.71 17.27 -24.00
N GLY A 241 25.56 18.08 -22.94
CA GLY A 241 24.31 18.81 -22.70
C GLY A 241 23.20 17.93 -22.10
N GLU A 242 21.96 18.17 -22.47
CA GLU A 242 20.85 17.47 -21.85
C GLU A 242 20.46 16.24 -22.69
N ASN A 243 19.61 15.41 -22.13
CA ASN A 243 19.02 14.29 -22.85
C ASN A 243 17.57 14.25 -22.40
N GLN A 244 16.69 14.89 -23.18
CA GLN A 244 15.30 15.07 -22.78
C GLN A 244 14.43 15.52 -23.90
N ALA A 245 13.14 15.20 -23.77
CA ALA A 245 12.07 15.71 -24.62
C ALA A 245 11.28 16.69 -23.76
N VAL A 246 10.76 17.77 -24.37
CA VAL A 246 9.93 18.72 -23.66
C VAL A 246 8.62 18.91 -24.39
N ILE A 247 7.52 18.76 -23.67
CA ILE A 247 6.24 19.14 -24.23
C ILE A 247 5.81 20.39 -23.48
N TYR A 248 5.47 21.44 -24.24
CA TYR A 248 4.86 22.67 -23.67
C TYR A 248 3.36 22.85 -24.07
N HIS A 249 2.48 22.95 -23.06
CA HIS A 249 1.04 23.18 -23.32
C HIS A 249 0.80 24.66 -23.23
N GLN A 250 0.36 25.25 -24.34
CA GLN A 250 0.27 26.72 -24.46
C GLN A 250 -0.86 27.38 -23.64
N HIS A 251 -1.97 26.68 -23.47
CA HIS A 251 -3.06 27.28 -22.70
C HIS A 251 -2.79 27.35 -21.21
N ALA A 252 -2.45 26.23 -20.60
CA ALA A 252 -2.24 26.22 -19.16
C ALA A 252 -0.78 26.58 -18.77
N HIS A 253 0.09 26.82 -19.75
CA HIS A 253 1.51 27.11 -19.50
C HIS A 253 2.19 26.05 -18.66
N ILE A 254 2.01 24.80 -19.05
CA ILE A 254 2.63 23.67 -18.35
C ILE A 254 3.81 23.15 -19.24
N SER A 255 5.02 23.09 -18.68
CA SER A 255 6.12 22.34 -19.29
C SER A 255 6.26 20.95 -18.71
N ILE A 256 6.39 19.96 -19.59
CA ILE A 256 6.62 18.57 -19.18
C ILE A 256 8.01 18.17 -19.67
N ILE A 257 8.92 17.97 -18.75
CA ILE A 257 10.33 17.75 -19.09
C ILE A 257 10.66 16.28 -18.82
N TYR A 258 10.81 15.52 -19.88
CA TYR A 258 11.00 14.10 -19.79
C TYR A 258 12.48 13.86 -20.01
N LYS A 259 13.22 13.70 -18.91
CA LYS A 259 14.68 13.43 -18.95
C LYS A 259 14.99 11.93 -18.92
N ALA A 260 16.11 11.53 -19.52
CA ALA A 260 16.57 10.16 -19.42
C ALA A 260 18.10 10.19 -19.30
N ASP A 261 18.69 9.20 -18.61
CA ASP A 261 20.13 9.15 -18.44
C ASP A 261 20.92 8.73 -19.72
N GLU A 262 22.23 8.67 -19.58
CA GLU A 262 23.14 8.47 -20.70
C GLU A 262 22.94 7.10 -21.37
N GLN A 263 22.29 6.15 -20.69
CA GLN A 263 21.98 4.89 -21.34
C GLN A 263 20.86 5.06 -22.37
N PHE A 264 20.09 6.15 -22.26
CA PHE A 264 18.99 6.29 -23.20
C PHE A 264 19.48 7.02 -24.45
N LYS A 265 19.95 6.21 -25.40
CA LYS A 265 20.67 6.74 -26.56
C LYS A 265 19.83 7.15 -27.79
N HIS A 266 18.53 6.76 -27.79
CA HIS A 266 17.68 6.96 -28.95
C HIS A 266 16.33 7.41 -28.47
N TRP A 267 15.64 8.20 -29.26
CA TRP A 267 14.23 8.55 -28.94
C TRP A 267 13.43 8.24 -30.16
N VAL A 268 12.43 7.37 -30.03
CA VAL A 268 11.45 7.23 -31.11
C VAL A 268 10.37 8.29 -30.87
N VAL A 269 10.01 9.05 -31.90
CA VAL A 269 8.91 9.97 -31.71
C VAL A 269 7.79 9.51 -32.65
N TYR A 270 6.63 9.27 -32.06
CA TYR A 270 5.45 8.73 -32.78
C TYR A 270 4.18 9.53 -32.48
N ASN A 271 3.52 10.03 -33.52
CA ASN A 271 2.19 10.69 -33.38
C ASN A 271 1.12 10.19 -34.38
N ALA A 272 1.27 8.95 -34.85
CA ALA A 272 0.28 8.37 -35.78
C ALA A 272 0.08 9.30 -36.95
N ASP A 273 -1.16 9.68 -37.25
CA ASP A 273 -1.43 10.55 -38.38
C ASP A 273 -1.44 12.02 -38.02
N GLY A 274 -1.06 12.35 -36.78
CA GLY A 274 -0.99 13.72 -36.33
C GLY A 274 -2.34 14.33 -35.94
N LYS A 275 -3.42 13.54 -36.03
CA LYS A 275 -4.80 14.01 -35.76
C LYS A 275 -5.38 13.31 -34.55
N GLN A 276 -4.58 12.50 -33.86
CA GLN A 276 -5.15 11.70 -32.79
C GLN A 276 -5.06 12.42 -31.42
N GLY A 277 -4.51 13.63 -31.38
CA GLY A 277 -4.32 14.33 -30.11
C GLY A 277 -3.38 13.72 -29.07
N TYR A 278 -2.44 12.89 -29.51
CA TYR A 278 -1.38 12.44 -28.60
C TYR A 278 0.02 12.45 -29.22
N LEU A 279 1.02 12.24 -28.36
CA LEU A 279 2.41 12.19 -28.79
C LEU A 279 3.19 11.22 -27.89
N CYS A 280 3.95 10.33 -28.51
CA CYS A 280 4.79 9.38 -27.79
C CYS A 280 6.29 9.74 -28.02
N PRO A 281 6.94 10.41 -27.04
CA PRO A 281 8.39 10.59 -27.13
C PRO A 281 8.97 9.45 -26.33
N GLU A 282 9.54 8.46 -27.02
CA GLU A 282 9.90 7.16 -26.43
C GLU A 282 11.43 7.00 -26.25
N PRO A 283 11.94 7.12 -25.01
CA PRO A 283 13.39 6.92 -24.88
C PRO A 283 13.70 5.45 -24.83
N TYR A 284 14.80 5.06 -25.48
CA TYR A 284 15.20 3.65 -25.61
C TYR A 284 16.66 3.59 -25.28
N THR A 285 17.10 2.54 -24.60
CA THR A 285 18.54 2.33 -24.39
C THR A 285 19.23 1.67 -25.63
N TRP A 286 18.45 1.13 -26.56
CA TRP A 286 19.06 0.62 -27.77
C TRP A 286 18.21 0.92 -28.98
N VAL A 287 18.82 0.96 -30.15
CA VAL A 287 18.11 1.36 -31.36
C VAL A 287 17.27 0.16 -31.86
N THR A 288 16.21 0.46 -32.60
CA THR A 288 15.46 -0.61 -33.24
C THR A 288 16.41 -1.60 -33.86
N ASN A 289 16.23 -2.89 -33.55
CA ASN A 289 16.90 -4.03 -34.24
C ASN A 289 18.39 -4.01 -33.91
N ALA A 290 18.71 -3.45 -32.74
CA ALA A 290 20.10 -3.31 -32.26
C ALA A 290 20.80 -4.66 -32.31
N VAL A 291 20.09 -5.71 -31.88
CA VAL A 291 20.65 -7.10 -31.87
C VAL A 291 21.22 -7.57 -33.21
N ASN A 292 20.81 -6.93 -34.30
CA ASN A 292 21.21 -7.40 -35.62
C ASN A 292 22.15 -6.48 -36.37
N LEU A 293 22.66 -5.43 -35.71
CA LEU A 293 23.50 -4.43 -36.39
C LEU A 293 24.99 -4.71 -36.03
N ASP A 294 25.86 -4.74 -37.03
CA ASP A 294 27.29 -4.91 -36.75
C ASP A 294 27.88 -3.47 -36.58
N LEU A 295 27.41 -2.74 -35.56
CA LEU A 295 27.89 -1.40 -35.28
C LEU A 295 28.34 -1.38 -33.82
N PRO A 296 29.26 -0.45 -33.46
CA PRO A 296 29.75 -0.35 -32.08
C PRO A 296 28.62 -0.18 -31.08
N SER A 297 28.79 -0.80 -29.91
CA SER A 297 27.77 -0.79 -28.89
C SER A 297 27.58 0.64 -28.33
N SER A 298 28.63 1.47 -28.38
CA SER A 298 28.49 2.89 -28.01
C SER A 298 27.49 3.68 -28.90
N LEU A 299 27.30 3.22 -30.12
CA LEU A 299 26.33 3.82 -31.01
C LEU A 299 24.95 3.13 -30.88
N THR A 300 24.88 1.80 -30.98
CA THR A 300 23.60 1.09 -30.92
C THR A 300 22.96 1.18 -29.52
N GLY A 301 23.77 1.21 -28.45
CA GLY A 301 23.28 1.11 -27.08
C GLY A 301 23.00 -0.31 -26.59
N LEU A 302 23.34 -1.30 -27.41
CA LEU A 302 23.21 -2.70 -26.98
C LEU A 302 23.99 -2.89 -25.68
N GLN A 303 23.38 -3.60 -24.72
CA GLN A 303 24.04 -3.91 -23.46
C GLN A 303 23.91 -5.39 -23.12
N VAL A 304 24.84 -5.87 -22.30
CA VAL A 304 24.91 -7.28 -21.89
C VAL A 304 24.99 -7.44 -20.37
N LEU A 305 24.18 -8.35 -19.84
CA LEU A 305 24.27 -8.70 -18.41
C LEU A 305 24.87 -10.08 -18.25
N GLU A 306 26.02 -10.15 -17.57
CA GLU A 306 26.67 -11.41 -17.25
C GLU A 306 25.88 -12.02 -16.07
N PRO A 307 26.04 -13.34 -15.79
CA PRO A 307 25.34 -13.94 -14.65
C PRO A 307 25.62 -13.18 -13.35
N GLY A 308 24.58 -12.91 -12.56
CA GLY A 308 24.75 -12.17 -11.31
C GLY A 308 24.82 -10.63 -11.39
N GLU A 309 24.88 -10.06 -12.59
CA GLU A 309 24.96 -8.59 -12.72
C GLU A 309 23.56 -7.94 -12.74
N GLU A 310 23.54 -6.64 -12.50
CA GLU A 310 22.33 -5.82 -12.63
C GLU A 310 22.73 -4.41 -13.09
N THR A 311 21.81 -3.77 -13.81
CA THR A 311 21.94 -2.36 -14.24
C THR A 311 20.64 -1.60 -13.96
N THR A 312 20.77 -0.33 -13.62
CA THR A 312 19.60 0.57 -13.45
C THR A 312 19.65 1.70 -14.46
N ALA A 313 18.61 1.76 -15.28
CA ALA A 313 18.46 2.82 -16.29
C ALA A 313 17.40 3.78 -15.77
N LYS A 314 17.75 5.08 -15.71
CA LYS A 314 16.95 6.08 -15.03
C LYS A 314 16.33 7.08 -16.00
N SER A 315 15.10 7.49 -15.69
CA SER A 315 14.43 8.58 -16.41
C SER A 315 13.42 9.23 -15.51
N SER A 316 12.90 10.39 -15.92
CA SER A 316 12.01 11.14 -15.04
C SER A 316 11.13 12.13 -15.81
N ILE A 317 9.96 12.42 -15.25
CA ILE A 317 9.01 13.33 -15.84
C ILE A 317 8.77 14.44 -14.79
N THR A 318 9.14 15.66 -15.13
CA THR A 318 9.01 16.83 -14.25
C THR A 318 7.97 17.78 -14.80
N ILE A 319 7.05 18.23 -13.94
CA ILE A 319 6.05 19.22 -14.32
C ILE A 319 6.43 20.62 -13.77
N GLU A 320 6.55 21.60 -14.66
CA GLU A 320 6.83 22.97 -14.24
C GLU A 320 5.75 23.86 -14.76
N LEU A 321 5.36 24.81 -13.93
CA LEU A 321 4.25 25.71 -14.23
C LEU A 321 4.85 27.11 -14.38
N ASN A 322 4.51 27.81 -15.47
CA ASN A 322 5.13 29.12 -15.78
C ASN A 322 4.24 30.10 -16.55
N ALA B 1 11.79 12.12 12.11
CA ALA B 1 11.39 11.80 10.72
C ALA B 1 10.58 10.50 10.77
N ASN B 2 9.59 10.41 9.89
CA ASN B 2 8.69 9.27 9.97
C ASN B 2 8.58 8.53 8.64
N PHE B 3 7.89 7.40 8.62
CA PHE B 3 7.90 6.53 7.45
C PHE B 3 6.75 5.56 7.48
N ILE B 4 6.35 5.06 6.31
CA ILE B 4 5.43 3.94 6.17
C ILE B 4 5.97 3.04 5.07
N GLU B 5 5.97 1.73 5.32
CA GLU B 5 6.60 0.76 4.45
C GLU B 5 5.87 -0.58 4.44
N LYS B 6 5.58 -1.10 3.24
CA LYS B 6 5.05 -2.45 3.13
C LYS B 6 6.16 -3.42 3.43
N ILE B 7 5.86 -4.41 4.27
CA ILE B 7 6.82 -5.47 4.64
C ILE B 7 6.11 -6.83 4.66
N THR B 8 6.84 -7.87 5.05
CA THR B 8 6.26 -9.17 5.30
C THR B 8 6.50 -9.48 6.76
N TYR B 9 5.47 -9.93 7.48
CA TYR B 9 5.62 -10.33 8.88
C TYR B 9 5.26 -11.82 8.99
N LEU B 10 6.24 -12.67 9.31
CA LEU B 10 6.02 -14.12 9.40
C LEU B 10 5.22 -14.66 8.20
N GLY B 11 5.62 -14.25 7.00
CA GLY B 11 4.99 -14.73 5.78
C GLY B 11 3.71 -14.04 5.36
N THR B 12 3.31 -12.95 6.02
CA THR B 12 2.05 -12.24 5.69
C THR B 12 2.27 -10.75 5.34
N PRO B 13 1.60 -10.22 4.30
CA PRO B 13 1.79 -8.77 4.07
C PRO B 13 1.39 -7.97 5.31
N ALA B 14 2.13 -6.90 5.57
CA ALA B 14 1.93 -6.07 6.75
C ALA B 14 2.40 -4.68 6.44
N ILE B 15 2.15 -3.74 7.37
CA ILE B 15 2.59 -2.36 7.20
C ILE B 15 3.35 -1.91 8.45
N LYS B 16 4.60 -1.51 8.27
CA LYS B 16 5.41 -0.95 9.33
C LYS B 16 5.36 0.58 9.23
N ALA B 17 5.10 1.27 10.33
CA ALA B 17 5.04 2.72 10.28
C ALA B 17 5.46 3.26 11.61
N GLY B 18 6.02 4.46 11.59
CA GLY B 18 6.37 5.13 12.83
C GLY B 18 7.25 6.33 12.64
N ASN B 19 7.76 6.84 13.76
CA ASN B 19 8.59 8.01 13.78
C ASN B 19 9.87 7.70 14.52
N GLU B 20 10.53 8.71 15.07
CA GLU B 20 11.74 8.45 15.83
C GLU B 20 11.44 7.94 17.28
N HIS B 21 10.18 7.99 17.73
CA HIS B 21 9.85 7.49 19.08
C HIS B 21 9.19 6.12 19.13
N LEU B 22 8.35 5.81 18.15
CA LEU B 22 7.51 4.61 18.19
C LEU B 22 7.37 4.04 16.80
N GLU B 23 7.41 2.71 16.67
CA GLU B 23 7.07 2.02 15.41
C GLU B 23 5.98 0.95 15.64
N MET B 24 4.96 0.96 14.81
CA MET B 24 3.96 -0.10 14.81
C MET B 24 4.10 -1.01 13.59
N ILE B 25 3.59 -2.23 13.73
CA ILE B 25 3.35 -3.09 12.58
C ILE B 25 1.89 -3.57 12.65
N VAL B 26 1.12 -3.27 11.59
CA VAL B 26 -0.25 -3.78 11.50
C VAL B 26 -0.30 -4.89 10.43
N VAL B 27 -1.06 -5.95 10.69
CA VAL B 27 -1.19 -7.05 9.73
C VAL B 27 -2.65 -7.15 9.27
N PRO B 28 -2.97 -6.55 8.11
CA PRO B 28 -4.37 -6.50 7.65
C PRO B 28 -5.11 -7.84 7.57
N GLU B 29 -4.49 -8.89 7.04
CA GLU B 29 -5.18 -10.18 6.91
C GLU B 29 -5.38 -10.88 8.26
N TRP B 30 -4.68 -10.44 9.29
CA TRP B 30 -4.84 -11.02 10.63
C TRP B 30 -5.78 -10.19 11.46
N GLY B 31 -6.97 -9.94 10.93
CA GLY B 31 -7.96 -9.11 11.60
C GLY B 31 -7.47 -7.70 11.93
N SER B 32 -6.63 -7.12 11.05
CA SER B 32 -6.03 -5.79 11.24
C SER B 32 -5.40 -5.65 12.64
N ASN B 33 -4.65 -6.65 13.04
CA ASN B 33 -3.99 -6.66 14.34
C ASN B 33 -2.70 -5.86 14.29
N VAL B 34 -2.57 -4.93 15.23
CA VAL B 34 -1.31 -4.23 15.44
C VAL B 34 -0.46 -5.19 16.26
N ILE B 35 0.38 -5.96 15.55
CA ILE B 35 1.06 -7.12 16.11
C ILE B 35 2.33 -6.72 16.88
N SER B 36 2.83 -5.54 16.61
CA SER B 36 4.11 -5.07 17.15
C SER B 36 4.05 -3.57 17.45
N LEU B 37 4.57 -3.20 18.61
CA LEU B 37 4.67 -1.79 19.00
C LEU B 37 5.98 -1.62 19.78
N VAL B 38 6.93 -0.96 19.16
CA VAL B 38 8.29 -0.85 19.67
C VAL B 38 8.64 0.57 20.08
N ASP B 39 9.14 0.72 21.29
CA ASP B 39 9.67 2.01 21.71
C ASP B 39 11.07 2.11 21.11
N LYS B 40 11.29 3.11 20.25
CA LYS B 40 12.55 3.25 19.49
C LYS B 40 13.68 3.84 20.33
N THR B 41 13.32 4.50 21.42
CA THR B 41 14.28 5.18 22.28
C THR B 41 15.17 4.17 23.00
N THR B 42 14.57 3.09 23.49
CA THR B 42 15.30 2.08 24.23
C THR B 42 15.32 0.73 23.49
N ASN B 43 14.59 0.64 22.38
CA ASN B 43 14.39 -0.63 21.64
C ASN B 43 13.68 -1.77 22.35
N VAL B 44 12.55 -1.43 22.98
CA VAL B 44 11.77 -2.37 23.76
C VAL B 44 10.46 -2.68 23.01
N GLN B 45 10.22 -3.96 22.72
CA GLN B 45 8.92 -4.43 22.27
C GLN B 45 7.93 -4.30 23.44
N LEU B 46 6.78 -3.67 23.19
CA LEU B 46 5.75 -3.45 24.22
C LEU B 46 4.66 -4.50 24.19
N LEU B 47 4.40 -5.05 23.02
CA LEU B 47 3.33 -6.02 22.83
C LEU B 47 3.82 -7.45 22.73
N ARG B 48 3.01 -8.39 23.21
CA ARG B 48 3.32 -9.82 23.03
C ARG B 48 3.22 -10.20 21.55
N GLU B 49 4.32 -10.67 20.97
CA GLU B 49 4.33 -11.14 19.56
C GLU B 49 4.31 -12.67 19.44
N PRO B 50 3.67 -13.20 18.38
CA PRO B 50 3.67 -14.66 18.18
C PRO B 50 5.02 -15.17 17.70
N GLU B 51 5.34 -16.41 18.06
CA GLU B 51 6.56 -17.10 17.61
C GLU B 51 6.51 -17.43 16.11
N THR B 52 5.43 -18.07 15.69
CA THR B 52 5.19 -18.44 14.32
C THR B 52 3.79 -17.98 13.92
N ALA B 53 3.54 -17.96 12.61
CA ALA B 53 2.20 -17.74 12.08
C ALA B 53 1.23 -18.78 12.59
N GLU B 54 1.73 -20.00 12.86
CA GLU B 54 0.86 -21.06 13.41
C GLU B 54 0.46 -20.81 14.85
N SER B 55 1.40 -20.39 15.71
CA SER B 55 1.01 -20.02 17.08
C SER B 55 0.01 -18.85 17.09
N PHE B 56 0.26 -17.83 16.26
CA PHE B 56 -0.72 -16.77 16.12
C PHE B 56 -2.14 -17.28 15.80
N HIS B 57 -2.28 -18.05 14.73
CA HIS B 57 -3.58 -18.62 14.36
C HIS B 57 -4.18 -19.52 15.38
N ASP B 58 -3.36 -20.13 16.24
CA ASP B 58 -3.89 -20.93 17.37
C ASP B 58 -4.64 -20.09 18.38
N THR B 59 -4.07 -18.93 18.73
CA THR B 59 -4.70 -18.03 19.70
C THR B 59 -4.64 -16.56 19.19
N PRO B 60 -5.53 -16.23 18.22
CA PRO B 60 -5.46 -14.90 17.58
C PRO B 60 -5.95 -13.72 18.48
N THR B 61 -6.48 -13.99 19.66
CA THR B 61 -6.81 -12.89 20.57
C THR B 61 -5.73 -12.66 21.66
N LEU B 62 -4.64 -13.42 21.61
CA LEU B 62 -3.66 -13.34 22.71
C LEU B 62 -2.30 -12.74 22.29
N TYR B 63 -2.26 -12.08 21.13
CA TYR B 63 -1.08 -11.33 20.66
C TYR B 63 -1.49 -9.96 20.12
N GLY B 64 -0.57 -8.99 20.24
CA GLY B 64 -0.73 -7.68 19.59
C GLY B 64 -1.97 -6.94 20.08
N ILE B 65 -2.75 -6.40 19.14
CA ILE B 65 -3.97 -5.70 19.49
C ILE B 65 -5.14 -6.25 18.68
N PRO B 66 -5.75 -7.33 19.19
CA PRO B 66 -6.90 -7.95 18.51
C PRO B 66 -8.16 -7.12 18.68
N ILE B 67 -8.96 -7.10 17.62
CA ILE B 67 -10.17 -6.27 17.55
C ILE B 67 -11.38 -7.15 17.88
N LEU B 68 -12.14 -6.73 18.90
CA LEU B 68 -13.27 -7.51 19.41
C LEU B 68 -14.61 -6.83 19.13
N PHE B 69 -15.27 -7.29 18.07
CA PHE B 69 -16.51 -6.67 17.58
C PHE B 69 -17.63 -7.70 17.46
N PRO B 70 -18.51 -7.82 18.47
CA PRO B 70 -18.51 -7.17 19.77
C PRO B 70 -17.61 -7.92 20.78
N PRO B 71 -17.23 -7.25 21.88
CA PRO B 71 -16.27 -7.83 22.81
C PRO B 71 -16.89 -8.86 23.75
N ASN B 72 -16.15 -9.93 23.97
CA ASN B 72 -16.43 -10.90 25.03
C ASN B 72 -17.71 -11.73 24.77
N ARG B 73 -18.34 -12.19 25.85
CA ARG B 73 -19.37 -13.23 25.77
C ARG B 73 -20.78 -12.73 25.56
N ILE B 74 -21.50 -13.43 24.69
CA ILE B 74 -22.96 -13.35 24.61
C ILE B 74 -23.51 -14.75 24.93
N SER B 75 -24.25 -14.85 26.05
CA SER B 75 -24.82 -16.12 26.52
C SER B 75 -25.64 -16.83 25.45
N ASP B 76 -25.33 -18.11 25.25
CA ASP B 76 -25.94 -18.92 24.18
C ASP B 76 -25.92 -18.23 22.82
N GLY B 77 -25.04 -17.25 22.65
CA GLY B 77 -24.94 -16.52 21.38
C GLY B 77 -26.27 -15.95 20.91
N THR B 78 -27.23 -15.84 21.84
CA THR B 78 -28.60 -15.42 21.53
C THR B 78 -28.99 -14.15 22.29
N PHE B 79 -29.60 -13.24 21.57
CA PHE B 79 -30.16 -12.06 22.19
C PHE B 79 -31.26 -11.52 21.31
N SER B 80 -32.01 -10.60 21.89
CA SER B 80 -33.13 -9.95 21.26
C SER B 80 -32.87 -8.46 21.10
N PHE B 81 -33.23 -7.93 19.95
CA PHE B 81 -33.14 -6.51 19.68
C PHE B 81 -34.28 -6.05 18.77
N ARG B 82 -35.09 -5.14 19.30
CA ARG B 82 -36.25 -4.60 18.59
C ARG B 82 -37.09 -5.68 17.89
N GLY B 83 -37.50 -6.67 18.68
CA GLY B 83 -38.29 -7.78 18.18
C GLY B 83 -37.65 -8.65 17.11
N ARG B 84 -36.32 -8.63 17.00
CA ARG B 84 -35.60 -9.60 16.17
C ARG B 84 -34.64 -10.43 17.03
N THR B 85 -34.62 -11.74 16.82
CA THR B 85 -33.77 -12.64 17.61
C THR B 85 -32.52 -13.06 16.82
N TYR B 86 -31.33 -12.84 17.39
CA TYR B 86 -30.07 -13.14 16.73
C TYR B 86 -29.42 -14.40 17.24
N HIS B 87 -28.76 -15.15 16.35
CA HIS B 87 -27.96 -16.29 16.78
C HIS B 87 -26.53 -16.21 16.27
N PHE B 88 -25.63 -15.85 17.16
CA PHE B 88 -24.20 -15.85 16.88
C PHE B 88 -23.66 -17.24 17.23
N ASP B 89 -22.67 -17.71 16.47
CA ASP B 89 -22.07 -19.03 16.70
C ASP B 89 -21.51 -19.20 18.09
N ILE B 90 -21.82 -20.34 18.68
CA ILE B 90 -21.36 -20.67 20.01
C ILE B 90 -19.99 -21.31 19.87
N ASN B 91 -18.96 -20.49 20.03
CA ASN B 91 -17.59 -20.97 19.87
C ASN B 91 -16.89 -21.29 21.21
N GLU B 92 -17.48 -20.86 22.32
CA GLU B 92 -17.00 -21.24 23.63
C GLU B 92 -17.88 -22.37 24.16
N LYS B 93 -17.45 -23.58 23.82
CA LYS B 93 -18.23 -24.79 24.03
C LYS B 93 -18.65 -24.97 25.49
N ASP B 94 -17.67 -25.13 26.39
CA ASP B 94 -17.95 -25.50 27.78
C ASP B 94 -18.89 -24.55 28.53
N LYS B 95 -18.82 -23.26 28.23
CA LYS B 95 -19.68 -22.26 28.88
C LYS B 95 -20.92 -21.88 28.05
N HIS B 96 -21.11 -22.54 26.91
CA HIS B 96 -22.24 -22.28 26.00
C HIS B 96 -22.41 -20.82 25.65
N ASN B 97 -21.30 -20.16 25.32
CA ASN B 97 -21.27 -18.74 24.94
C ASN B 97 -20.73 -18.49 23.54
N HIS B 98 -21.22 -17.42 22.90
CA HIS B 98 -20.47 -16.81 21.82
C HIS B 98 -19.46 -15.87 22.41
N LEU B 99 -18.24 -15.92 21.88
CA LEU B 99 -17.12 -15.18 22.42
C LEU B 99 -16.26 -14.45 21.37
N HIS B 100 -16.21 -13.12 21.49
CA HIS B 100 -15.21 -12.22 20.87
C HIS B 100 -15.50 -11.71 19.47
N GLY B 101 -16.74 -11.87 19.03
CA GLY B 101 -17.21 -11.24 17.80
C GLY B 101 -16.64 -11.77 16.49
N PHE B 102 -16.66 -10.91 15.47
CA PHE B 102 -16.59 -11.34 14.07
C PHE B 102 -15.26 -11.07 13.33
N LEU B 103 -14.44 -10.16 13.85
CA LEU B 103 -13.47 -9.47 13.03
C LEU B 103 -11.98 -9.81 13.27
N TYR B 104 -11.67 -10.45 14.39
CA TYR B 104 -10.28 -10.72 14.76
C TYR B 104 -9.54 -11.76 13.88
N HIS B 105 -10.27 -12.55 13.10
CA HIS B 105 -9.60 -13.50 12.21
C HIS B 105 -10.15 -13.46 10.80
N GLU B 106 -10.55 -12.26 10.38
CA GLU B 106 -10.96 -12.01 9.00
C GLU B 106 -9.98 -11.04 8.34
N LYS B 107 -10.03 -10.96 7.03
CA LYS B 107 -9.08 -10.13 6.31
C LYS B 107 -9.62 -8.71 6.12
N TRP B 108 -8.90 -7.71 6.60
CA TRP B 108 -9.28 -6.29 6.43
C TRP B 108 -8.55 -5.73 5.27
N ASN B 109 -9.11 -4.72 4.63
CA ASN B 109 -8.44 -4.05 3.50
C ASN B 109 -7.74 -2.78 3.96
N VAL B 110 -6.67 -2.40 3.27
CA VAL B 110 -5.94 -1.17 3.61
C VAL B 110 -6.57 -0.10 2.74
N VAL B 111 -7.18 0.93 3.31
CA VAL B 111 -7.79 1.92 2.42
C VAL B 111 -6.75 2.93 1.95
N THR B 112 -5.86 3.34 2.83
CA THR B 112 -4.86 4.33 2.47
C THR B 112 -3.76 4.40 3.52
N THR B 113 -2.59 4.80 3.09
CA THR B 113 -1.53 5.13 4.04
C THR B 113 -1.07 6.57 3.75
N LYS B 114 -1.05 7.40 4.79
CA LYS B 114 -0.71 8.82 4.63
C LYS B 114 0.44 9.23 5.54
N GLN B 115 1.44 9.87 4.93
CA GLN B 115 2.56 10.42 5.64
C GLN B 115 2.51 11.94 5.52
N THR B 116 2.58 12.61 6.68
CA THR B 116 2.68 14.06 6.75
C THR B 116 3.87 14.40 7.64
N ASP B 117 4.31 15.65 7.59
CA ASP B 117 5.37 16.11 8.49
C ASP B 117 4.99 15.89 9.96
N GLU B 118 3.68 15.94 10.22
CA GLU B 118 3.09 15.77 11.55
C GLU B 118 3.05 14.33 12.05
N GLY B 119 2.88 13.35 11.16
CA GLY B 119 2.64 11.99 11.60
C GLY B 119 2.33 11.06 10.46
N VAL B 120 2.09 9.80 10.81
CA VAL B 120 1.82 8.77 9.83
C VAL B 120 0.46 8.14 10.13
N ILE B 121 -0.34 7.89 9.09
CA ILE B 121 -1.67 7.34 9.24
C ILE B 121 -1.81 6.11 8.40
N VAL B 122 -2.30 5.03 9.01
CA VAL B 122 -2.65 3.82 8.28
C VAL B 122 -4.14 3.59 8.55
N GLU B 123 -4.92 3.39 7.49
CA GLU B 123 -6.35 3.14 7.62
C GLU B 123 -6.69 1.78 7.06
N THR B 124 -7.32 0.96 7.89
CA THR B 124 -7.86 -0.33 7.45
C THR B 124 -9.38 -0.35 7.58
N GLU B 125 -10.03 -1.26 6.84
CA GLU B 125 -11.47 -1.36 6.84
C GLU B 125 -11.95 -2.76 6.50
N ILE B 126 -13.10 -3.10 7.07
CA ILE B 126 -13.78 -4.33 6.69
C ILE B 126 -15.29 -4.08 6.61
N ASP B 127 -15.92 -4.68 5.61
CA ASP B 127 -17.36 -4.52 5.37
C ASP B 127 -18.07 -5.85 5.67
N LEU B 128 -18.88 -5.85 6.73
CA LEU B 128 -19.48 -7.09 7.19
C LEU B 128 -20.45 -7.72 6.18
N SER B 129 -21.03 -6.91 5.29
CA SER B 129 -21.95 -7.43 4.28
C SER B 129 -21.22 -8.32 3.28
N GLU B 130 -19.91 -8.18 3.20
CA GLU B 130 -19.12 -8.98 2.28
C GLU B 130 -18.64 -10.28 2.88
N LEU B 131 -19.06 -10.58 4.12
CA LEU B 131 -18.67 -11.82 4.80
C LEU B 131 -19.91 -12.70 4.99
N PRO B 132 -20.11 -13.69 4.09
CA PRO B 132 -21.43 -14.36 4.01
C PRO B 132 -21.79 -15.12 5.28
N HIS B 133 -20.80 -15.71 5.96
CA HIS B 133 -21.07 -16.40 7.23
C HIS B 133 -21.42 -15.43 8.35
N VAL B 134 -20.71 -14.31 8.42
CA VAL B 134 -21.08 -13.23 9.35
C VAL B 134 -22.53 -12.78 9.13
N GLN B 135 -22.92 -12.57 7.87
CA GLN B 135 -24.28 -12.21 7.51
C GLN B 135 -25.32 -13.18 8.04
N LYS B 136 -25.02 -14.49 8.03
CA LYS B 136 -25.93 -15.50 8.62
C LYS B 136 -26.30 -15.14 10.06
N GLN B 137 -25.32 -14.66 10.82
CA GLN B 137 -25.50 -14.39 12.24
C GLN B 137 -26.00 -12.97 12.52
N PHE B 138 -25.57 -12.02 11.69
CA PHE B 138 -25.77 -10.60 11.95
C PHE B 138 -26.06 -9.95 10.60
N PRO B 139 -27.32 -9.99 10.19
CA PRO B 139 -27.68 -9.59 8.82
C PRO B 139 -27.80 -8.06 8.67
N HIS B 140 -26.68 -7.35 8.89
CA HIS B 140 -26.67 -5.89 8.77
C HIS B 140 -25.48 -5.39 8.02
N HIS B 141 -25.64 -4.23 7.39
CA HIS B 141 -24.54 -3.68 6.60
C HIS B 141 -23.67 -2.80 7.48
N ALA B 142 -22.91 -3.44 8.37
CA ALA B 142 -21.96 -2.72 9.23
C ALA B 142 -20.62 -2.65 8.55
N VAL B 143 -19.96 -1.50 8.65
CA VAL B 143 -18.62 -1.33 8.10
C VAL B 143 -17.80 -0.75 9.23
N VAL B 144 -16.62 -1.32 9.47
CA VAL B 144 -15.73 -0.81 10.51
C VAL B 144 -14.40 -0.34 9.91
N ARG B 145 -14.01 0.91 10.19
CA ARG B 145 -12.72 1.45 9.74
C ARG B 145 -11.83 1.74 10.93
N MET B 146 -10.63 1.16 10.92
CA MET B 146 -9.61 1.54 11.88
C MET B 146 -8.66 2.59 11.30
N THR B 147 -8.38 3.63 12.08
CA THR B 147 -7.43 4.70 11.74
C THR B 147 -6.38 4.74 12.83
N TYR B 148 -5.16 4.33 12.48
CA TYR B 148 -4.01 4.32 13.37
C TYR B 148 -3.07 5.45 13.01
N THR B 149 -2.72 6.26 14.01
CA THR B 149 -1.91 7.45 13.80
C THR B 149 -0.80 7.44 14.82
N ILE B 150 0.44 7.55 14.37
CA ILE B 150 1.53 7.81 15.29
C ILE B 150 2.01 9.24 15.12
N LYS B 151 2.01 9.99 16.23
CA LYS B 151 2.57 11.37 16.38
C LYS B 151 3.32 11.38 17.69
N GLU B 152 4.42 12.13 17.77
CA GLU B 152 5.21 12.25 19.03
C GLU B 152 5.46 10.84 19.59
N ASN B 153 5.03 10.60 20.82
CA ASN B 153 5.20 9.28 21.44
C ASN B 153 3.87 8.55 21.71
N THR B 154 2.91 8.71 20.80
CA THR B 154 1.58 8.12 20.98
C THR B 154 1.10 7.38 19.73
N LEU B 155 0.55 6.18 19.92
CA LEU B 155 -0.27 5.54 18.89
C LEU B 155 -1.76 5.84 19.15
N PHE B 156 -2.38 6.63 18.27
CA PHE B 156 -3.82 6.85 18.35
C PHE B 156 -4.49 5.76 17.52
N LYS B 157 -5.54 5.19 18.07
CA LYS B 157 -6.26 4.13 17.37
C LYS B 157 -7.75 4.36 17.51
N HIS B 158 -8.39 4.72 16.40
CA HIS B 158 -9.80 5.12 16.36
C HIS B 158 -10.60 4.16 15.51
N ALA B 159 -11.74 3.66 16.04
CA ALA B 159 -12.68 2.84 15.24
C ALA B 159 -13.92 3.65 14.85
N THR B 160 -14.18 3.72 13.54
CA THR B 160 -15.39 4.31 13.03
C THR B 160 -16.30 3.17 12.59
N VAL B 161 -17.40 3.00 13.33
CA VAL B 161 -18.42 2.01 13.00
C VAL B 161 -19.53 2.70 12.22
N MET B 162 -19.90 2.15 11.07
CA MET B 162 -20.87 2.78 10.17
C MET B 162 -22.03 1.83 9.85
N ASN B 163 -23.24 2.39 9.80
CA ASN B 163 -24.42 1.65 9.33
C ASN B 163 -24.77 2.07 7.91
N LYS B 164 -24.37 1.25 6.94
CA LYS B 164 -24.71 1.51 5.53
C LYS B 164 -25.89 0.65 5.07
N GLY B 165 -26.61 0.08 6.02
CA GLY B 165 -27.75 -0.82 5.76
C GLY B 165 -29.12 -0.20 5.93
N LYS B 166 -30.16 -1.03 5.87
CA LYS B 166 -31.52 -0.55 5.87
C LYS B 166 -32.15 -0.51 7.27
N GLU B 167 -31.59 -1.26 8.22
CA GLU B 167 -32.09 -1.25 9.60
C GLU B 167 -31.03 -0.89 10.62
N ALA B 168 -31.50 -0.34 11.74
CA ALA B 168 -30.70 -0.06 12.93
C ALA B 168 -30.12 -1.33 13.54
N PHE B 169 -28.91 -1.24 14.11
CA PHE B 169 -28.35 -2.40 14.80
C PHE B 169 -27.63 -1.98 16.07
N PRO B 170 -27.48 -2.91 17.03
CA PRO B 170 -26.70 -2.58 18.22
C PRO B 170 -25.27 -3.04 17.99
N TRP B 171 -24.31 -2.42 18.68
CA TRP B 171 -22.90 -2.77 18.50
C TRP B 171 -22.11 -2.30 19.70
N GLY B 172 -20.93 -2.89 19.86
CA GLY B 172 -19.90 -2.42 20.75
C GLY B 172 -18.57 -2.96 20.23
N ILE B 173 -17.49 -2.37 20.73
CA ILE B 173 -16.15 -2.77 20.32
C ILE B 173 -15.25 -2.79 21.55
N GLY B 174 -14.32 -3.75 21.54
CA GLY B 174 -13.22 -3.81 22.51
C GLY B 174 -11.92 -4.19 21.82
N TYR B 175 -10.82 -4.09 22.57
CA TYR B 175 -9.53 -4.56 22.09
C TYR B 175 -8.92 -5.47 23.14
N HIS B 176 -8.33 -6.56 22.68
CA HIS B 176 -7.69 -7.56 23.53
C HIS B 176 -6.20 -7.34 23.68
N THR B 177 -5.80 -6.09 23.66
CA THR B 177 -4.42 -5.61 23.75
C THR B 177 -3.59 -6.44 24.74
N THR B 178 -2.50 -7.00 24.25
CA THR B 178 -1.68 -7.90 25.06
C THR B 178 -0.27 -7.35 25.17
N PHE B 179 0.04 -6.78 26.34
CA PHE B 179 1.35 -6.18 26.61
C PHE B 179 2.26 -7.22 27.24
N ILE B 180 3.57 -7.09 27.05
CA ILE B 180 4.53 -7.86 27.85
C ILE B 180 4.52 -7.31 29.28
N PHE B 181 4.54 -8.20 30.28
CA PHE B 181 4.35 -7.81 31.68
C PHE B 181 5.06 -8.81 32.61
N PRO B 182 6.36 -8.57 32.93
CA PRO B 182 7.10 -9.40 33.90
C PRO B 182 6.54 -9.17 35.30
N ALA B 183 5.92 -10.20 35.86
CA ALA B 183 5.25 -10.15 37.16
C ALA B 183 6.16 -9.64 38.28
N GLU B 184 7.42 -10.04 38.22
CA GLU B 184 8.39 -9.65 39.22
C GLU B 184 8.58 -8.11 39.26
N SER B 185 8.79 -7.47 38.11
CA SER B 185 9.23 -6.07 38.03
C SER B 185 8.33 -5.10 37.21
N SER B 186 7.02 -5.25 37.33
CA SER B 186 6.13 -4.35 36.61
C SER B 186 4.92 -4.08 37.48
N LEU B 187 4.32 -2.92 37.24
CA LEU B 187 3.13 -2.51 37.97
C LEU B 187 1.99 -2.09 37.02
N PHE B 188 0.79 -2.06 37.60
CA PHE B 188 -0.43 -1.79 36.86
C PHE B 188 -1.36 -0.87 37.62
N SER B 189 -1.94 0.12 36.94
CA SER B 189 -3.02 0.89 37.53
C SER B 189 -4.20 0.95 36.57
N LEU B 190 -5.38 1.31 37.10
CA LEU B 190 -6.63 1.35 36.34
C LEU B 190 -7.65 2.26 37.02
N THR B 191 -8.25 3.16 36.25
CA THR B 191 -9.30 4.03 36.76
C THR B 191 -10.65 3.28 36.86
N ALA B 192 -10.80 2.51 37.94
CA ALA B 192 -12.07 1.80 38.27
C ALA B 192 -12.27 1.77 39.78
N ASP B 193 -13.53 1.79 40.22
CA ASP B 193 -13.90 1.69 41.64
C ASP B 193 -14.66 0.40 41.89
N GLN B 194 -15.42 -0.03 40.87
CA GLN B 194 -16.33 -1.16 40.97
C GLN B 194 -16.09 -2.20 39.89
N GLN B 195 -16.71 -3.36 40.08
CA GLN B 195 -16.64 -4.36 39.03
C GLN B 195 -17.90 -5.21 38.99
N TRP B 196 -18.12 -5.85 37.85
CA TRP B 196 -19.31 -6.64 37.63
C TRP B 196 -19.14 -7.97 38.29
N GLU B 197 -20.16 -8.37 39.03
CA GLU B 197 -20.17 -9.72 39.57
C GLU B 197 -20.45 -10.65 38.41
N LEU B 198 -19.67 -11.72 38.32
CA LEU B 198 -19.79 -12.67 37.22
C LEU B 198 -20.24 -14.02 37.75
N ASP B 199 -20.94 -14.81 36.93
CA ASP B 199 -21.26 -16.18 37.31
C ASP B 199 -20.17 -17.16 36.82
N GLU B 200 -20.46 -18.45 36.85
CA GLU B 200 -19.45 -19.48 36.51
C GLU B 200 -19.29 -19.70 34.99
N ARG B 201 -20.21 -19.12 34.22
CA ARG B 201 -20.12 -19.03 32.77
C ARG B 201 -19.53 -17.67 32.35
N LEU B 202 -18.94 -16.97 33.33
CA LEU B 202 -18.31 -15.65 33.16
C LEU B 202 -19.21 -14.53 32.64
N LEU B 203 -20.48 -14.55 33.03
CA LEU B 203 -21.47 -13.58 32.59
C LEU B 203 -21.94 -12.73 33.75
N PRO B 204 -22.07 -11.41 33.55
CA PRO B 204 -22.47 -10.59 34.70
C PRO B 204 -23.77 -11.09 35.33
N THR B 205 -23.89 -11.05 36.66
CA THR B 205 -25.18 -11.35 37.32
C THR B 205 -26.10 -10.13 37.24
N GLY B 206 -25.49 -8.96 37.12
CA GLY B 206 -26.23 -7.71 37.07
C GLY B 206 -25.79 -6.82 38.22
N LYS B 207 -25.24 -7.42 39.26
CA LYS B 207 -24.75 -6.64 40.41
C LYS B 207 -23.32 -6.14 40.23
N LEU B 208 -23.10 -4.92 40.71
CA LEU B 208 -21.79 -4.31 40.85
C LEU B 208 -21.29 -4.49 42.28
N MET B 209 -19.97 -4.58 42.47
CA MET B 209 -19.38 -4.66 43.81
C MET B 209 -18.13 -3.80 43.87
N ASP B 210 -17.80 -3.31 45.06
CA ASP B 210 -16.54 -2.58 45.27
C ASP B 210 -15.36 -3.47 44.98
N VAL B 211 -14.34 -2.87 44.37
CA VAL B 211 -13.05 -3.55 44.21
C VAL B 211 -12.36 -3.52 45.57
N PRO B 212 -12.15 -4.70 46.19
CA PRO B 212 -11.63 -4.73 47.56
C PRO B 212 -10.35 -3.91 47.67
N TYR B 213 -9.52 -3.97 46.64
CA TYR B 213 -8.19 -3.38 46.68
C TYR B 213 -8.10 -2.11 45.83
N LYS B 214 -9.20 -1.36 45.81
CA LYS B 214 -9.32 -0.25 44.86
C LYS B 214 -8.25 0.83 44.97
N GLU B 215 -7.79 1.09 46.20
CA GLU B 215 -6.79 2.12 46.45
C GLU B 215 -5.47 1.77 45.76
N ALA B 216 -5.03 0.53 45.92
CA ALA B 216 -3.85 0.01 45.26
C ALA B 216 -4.00 0.01 43.73
N LEU B 217 -5.18 -0.32 43.22
CA LEU B 217 -5.43 -0.36 41.79
C LEU B 217 -5.36 1.04 41.17
N HIS B 218 -5.76 2.08 41.91
CA HIS B 218 -5.59 3.44 41.41
C HIS B 218 -4.17 3.84 41.42
N GLU B 219 -3.45 3.49 42.48
CA GLU B 219 -2.07 3.97 42.65
C GLU B 219 -0.96 3.19 41.92
N GLY B 220 -1.15 1.90 41.71
CA GLY B 220 -0.16 1.06 41.04
C GLY B 220 0.11 -0.15 41.90
N MET B 221 -0.05 -1.33 41.37
CA MET B 221 0.10 -2.52 42.19
C MET B 221 0.82 -3.59 41.41
N ASP B 222 1.44 -4.55 42.08
CA ASP B 222 2.04 -5.67 41.36
C ASP B 222 0.99 -6.75 41.20
N LEU B 223 1.23 -7.70 40.30
CA LEU B 223 0.32 -8.82 40.09
C LEU B 223 0.98 -10.19 40.40
N ARG B 224 1.99 -10.19 41.28
CA ARG B 224 2.49 -11.43 41.80
C ARG B 224 1.31 -12.02 42.56
N HIS B 225 1.14 -13.33 42.48
CA HIS B 225 0.10 -14.05 43.24
C HIS B 225 -1.30 -13.88 42.68
N LYS B 226 -1.64 -12.68 42.21
CA LYS B 226 -3.00 -12.38 41.78
C LYS B 226 -3.28 -12.84 40.35
N GLN B 227 -4.44 -13.47 40.15
CA GLN B 227 -4.89 -13.91 38.83
C GLN B 227 -6.21 -13.24 38.50
N LEU B 228 -6.29 -12.70 37.29
CA LEU B 228 -7.39 -11.82 36.93
C LEU B 228 -8.08 -12.23 35.64
N ASP B 229 -9.41 -12.25 35.69
CA ASP B 229 -10.22 -12.28 34.51
C ASP B 229 -11.49 -11.49 34.83
N ASP B 230 -11.30 -10.21 35.11
CA ASP B 230 -12.35 -9.41 35.72
C ASP B 230 -12.88 -8.33 34.79
N VAL B 231 -14.15 -8.01 34.96
CA VAL B 231 -14.81 -6.92 34.27
C VAL B 231 -15.02 -5.71 35.21
N PHE B 232 -14.15 -4.71 35.10
CA PHE B 232 -14.25 -3.46 35.86
C PHE B 232 -15.12 -2.44 35.17
N LEU B 233 -15.81 -1.62 35.96
CA LEU B 233 -16.55 -0.46 35.46
C LEU B 233 -15.59 0.75 35.55
N SER B 234 -15.49 1.52 34.46
CA SER B 234 -14.69 2.74 34.46
C SER B 234 -15.31 3.66 35.48
N SER B 235 -14.46 4.26 36.31
CA SER B 235 -14.90 5.17 37.32
C SER B 235 -15.38 6.48 36.70
N TYR B 236 -15.13 6.64 35.41
CA TYR B 236 -15.27 7.93 34.77
C TYR B 236 -16.72 8.43 34.80
N GLN B 237 -17.62 7.58 34.33
CA GLN B 237 -19.05 7.89 34.35
C GLN B 237 -19.53 8.49 35.72
N LYS B 238 -19.18 7.86 36.83
CA LYS B 238 -19.64 8.36 38.14
C LYS B 238 -18.75 9.43 38.78
N ARG B 239 -17.44 9.33 38.61
CA ARG B 239 -16.50 10.15 39.39
C ARG B 239 -15.84 11.31 38.62
N GLY B 240 -16.02 11.36 37.30
CA GLY B 240 -15.23 12.26 36.45
C GLY B 240 -13.79 11.79 36.36
N GLY B 241 -12.89 12.66 35.91
CA GLY B 241 -11.45 12.35 35.93
C GLY B 241 -10.96 11.60 34.70
N GLU B 242 -10.04 10.66 34.91
CA GLU B 242 -9.43 9.94 33.79
C GLU B 242 -10.11 8.62 33.46
N ASN B 243 -9.77 8.06 32.30
CA ASN B 243 -10.21 6.74 31.92
C ASN B 243 -9.04 6.08 31.20
N GLN B 244 -8.25 5.32 31.95
CA GLN B 244 -7.00 4.79 31.42
C GLN B 244 -6.40 3.68 32.26
N ALA B 245 -5.67 2.81 31.58
CA ALA B 245 -4.81 1.84 32.24
C ALA B 245 -3.37 2.26 32.08
N VAL B 246 -2.55 1.96 33.11
CA VAL B 246 -1.13 2.30 33.11
C VAL B 246 -0.32 1.06 33.44
N ILE B 247 0.76 0.85 32.68
CA ILE B 247 1.72 -0.19 32.98
C ILE B 247 3.03 0.50 33.14
N TYR B 248 3.67 0.22 34.27
CA TYR B 248 5.00 0.73 34.55
C TYR B 248 6.04 -0.40 34.66
N HIS B 249 7.00 -0.40 33.71
CA HIS B 249 8.17 -1.28 33.70
C HIS B 249 9.30 -0.66 34.47
N GLN B 250 9.70 -1.29 35.57
CA GLN B 250 10.56 -0.63 36.55
C GLN B 250 12.03 -0.54 36.18
N HIS B 251 12.54 -1.49 35.39
CA HIS B 251 13.97 -1.46 35.04
C HIS B 251 14.27 -0.38 34.03
N ALA B 252 13.53 -0.37 32.91
CA ALA B 252 13.78 0.61 31.87
C ALA B 252 13.11 1.98 32.12
N HIS B 253 12.38 2.09 33.24
CA HIS B 253 11.54 3.26 33.57
C HIS B 253 10.67 3.73 32.43
N ILE B 254 9.81 2.85 31.96
CA ILE B 254 8.89 3.14 30.86
C ILE B 254 7.47 3.07 31.42
N SER B 255 6.73 4.18 31.27
CA SER B 255 5.29 4.15 31.48
C SER B 255 4.52 3.94 30.16
N ILE B 256 3.50 3.08 30.17
CA ILE B 256 2.63 2.88 29.01
C ILE B 256 1.27 3.35 29.46
N ILE B 257 0.79 4.46 28.89
CA ILE B 257 -0.51 5.01 29.28
C ILE B 257 -1.56 4.67 28.19
N TYR B 258 -2.48 3.79 28.55
CA TYR B 258 -3.52 3.32 27.65
C TYR B 258 -4.82 4.07 28.00
N LYS B 259 -5.07 5.17 27.31
CA LYS B 259 -6.32 5.95 27.45
C LYS B 259 -7.40 5.53 26.47
N ALA B 260 -8.64 5.71 26.89
CA ALA B 260 -9.82 5.42 26.10
C ALA B 260 -10.86 6.50 26.37
N ASP B 261 -11.63 6.88 25.35
CA ASP B 261 -12.64 7.94 25.53
C ASP B 261 -13.86 7.47 26.39
N GLU B 262 -14.85 8.35 26.54
CA GLU B 262 -15.98 8.09 27.46
C GLU B 262 -16.90 6.96 26.98
N GLN B 263 -16.75 6.55 25.73
CA GLN B 263 -17.48 5.39 25.24
C GLN B 263 -16.98 4.08 25.86
N PHE B 264 -15.72 4.07 26.29
CA PHE B 264 -15.14 2.86 26.85
C PHE B 264 -15.47 2.74 28.34
N LYS B 265 -16.65 2.23 28.61
CA LYS B 265 -17.20 2.23 29.96
C LYS B 265 -16.80 1.07 30.88
N HIS B 266 -16.12 0.06 30.32
CA HIS B 266 -15.65 -1.12 31.08
C HIS B 266 -14.26 -1.51 30.65
N TRP B 267 -13.54 -2.21 31.52
CA TRP B 267 -12.24 -2.79 31.19
C TRP B 267 -12.16 -4.19 31.70
N VAL B 268 -11.86 -5.14 30.81
CA VAL B 268 -11.51 -6.50 31.22
C VAL B 268 -10.00 -6.53 31.46
N VAL B 269 -9.62 -7.07 32.61
CA VAL B 269 -8.22 -7.29 32.86
C VAL B 269 -8.05 -8.80 32.97
N TYR B 270 -7.17 -9.33 32.14
CA TYR B 270 -6.89 -10.74 32.06
C TYR B 270 -5.37 -11.00 32.01
N ASN B 271 -4.91 -11.95 32.84
CA ASN B 271 -3.50 -12.32 32.89
C ASN B 271 -3.26 -13.84 32.94
N ALA B 272 -4.25 -14.62 32.52
CA ALA B 272 -4.16 -16.10 32.58
C ALA B 272 -3.96 -16.57 34.03
N ASP B 273 -3.10 -17.58 34.23
CA ASP B 273 -2.78 -18.07 35.58
C ASP B 273 -1.69 -17.19 36.21
N GLY B 274 -1.36 -16.11 35.52
CA GLY B 274 -0.40 -15.12 36.02
C GLY B 274 1.08 -15.44 35.86
N LYS B 275 1.40 -16.58 35.26
CA LYS B 275 2.81 -17.01 35.04
C LYS B 275 3.22 -16.86 33.59
N GLN B 276 2.41 -16.20 32.78
CA GLN B 276 2.62 -16.18 31.33
C GLN B 276 3.38 -14.99 30.79
N GLY B 277 3.75 -14.04 31.66
CA GLY B 277 4.56 -12.88 31.26
C GLY B 277 3.83 -11.80 30.45
N TYR B 278 2.50 -11.82 30.46
CA TYR B 278 1.73 -10.81 29.72
C TYR B 278 0.51 -10.31 30.49
N LEU B 279 0.05 -9.12 30.14
CA LEU B 279 -1.16 -8.53 30.69
C LEU B 279 -2.07 -8.00 29.57
N CYS B 280 -3.38 -8.27 29.67
CA CYS B 280 -4.40 -7.73 28.77
C CYS B 280 -5.33 -6.72 29.47
N PRO B 281 -5.03 -5.41 29.36
CA PRO B 281 -5.98 -4.43 29.87
C PRO B 281 -6.90 -4.04 28.72
N GLU B 282 -8.14 -4.52 28.76
CA GLU B 282 -8.96 -4.54 27.56
C GLU B 282 -10.10 -3.57 27.68
N PRO B 283 -10.02 -2.43 26.97
CA PRO B 283 -11.14 -1.50 27.09
C PRO B 283 -12.31 -1.89 26.18
N TYR B 284 -13.54 -1.77 26.70
CA TYR B 284 -14.78 -2.10 25.98
C TYR B 284 -15.79 -0.97 26.01
N THR B 285 -16.53 -0.80 24.91
CA THR B 285 -17.64 0.14 24.91
C THR B 285 -18.90 -0.46 25.55
N TRP B 286 -18.94 -1.79 25.67
CA TRP B 286 -20.06 -2.43 26.34
C TRP B 286 -19.65 -3.57 27.23
N VAL B 287 -20.43 -3.78 28.28
CA VAL B 287 -20.09 -4.79 29.27
C VAL B 287 -20.37 -6.15 28.65
N THR B 288 -19.64 -7.20 29.03
CA THR B 288 -19.95 -8.57 28.63
C THR B 288 -21.46 -8.86 28.65
N ASN B 289 -21.97 -9.48 27.59
CA ASN B 289 -23.39 -9.84 27.45
C ASN B 289 -24.35 -8.66 27.64
N ALA B 290 -23.91 -7.45 27.28
CA ALA B 290 -24.73 -6.23 27.44
C ALA B 290 -26.05 -6.36 26.70
N VAL B 291 -26.04 -7.04 25.55
CA VAL B 291 -27.26 -7.27 24.78
C VAL B 291 -28.37 -8.02 25.56
N ASN B 292 -27.96 -8.73 26.63
CA ASN B 292 -28.92 -9.50 27.41
C ASN B 292 -29.16 -8.92 28.81
N LEU B 293 -28.75 -7.68 29.05
CA LEU B 293 -29.00 -7.09 30.36
C LEU B 293 -30.15 -6.06 30.34
N ASP B 294 -31.11 -6.21 31.25
CA ASP B 294 -32.14 -5.20 31.45
C ASP B 294 -31.65 -4.06 32.36
N LEU B 295 -30.56 -3.39 31.97
CA LEU B 295 -30.00 -2.26 32.75
C LEU B 295 -29.92 -1.00 31.88
N PRO B 296 -29.86 0.20 32.50
CA PRO B 296 -29.80 1.40 31.66
C PRO B 296 -28.59 1.37 30.69
N SER B 297 -28.78 1.84 29.45
CA SER B 297 -27.67 1.77 28.48
C SER B 297 -26.52 2.71 28.82
N SER B 298 -26.77 3.70 29.68
CA SER B 298 -25.71 4.55 30.22
C SER B 298 -24.78 3.76 31.14
N LEU B 299 -25.29 2.64 31.68
CA LEU B 299 -24.49 1.71 32.47
C LEU B 299 -23.87 0.58 31.64
N THR B 300 -24.67 -0.06 30.77
CA THR B 300 -24.19 -1.20 29.98
C THR B 300 -23.23 -0.73 28.89
N GLY B 301 -23.45 0.50 28.44
CA GLY B 301 -22.71 1.05 27.32
C GLY B 301 -23.16 0.56 25.96
N LEU B 302 -24.28 -0.17 25.91
CA LEU B 302 -24.88 -0.62 24.65
C LEU B 302 -25.14 0.59 23.76
N GLN B 303 -24.85 0.45 22.48
CA GLN B 303 -25.09 1.52 21.53
C GLN B 303 -25.82 1.01 20.30
N VAL B 304 -26.50 1.93 19.61
CA VAL B 304 -27.33 1.59 18.45
C VAL B 304 -26.97 2.53 17.32
N LEU B 305 -26.80 1.99 16.13
CA LEU B 305 -26.64 2.82 14.95
C LEU B 305 -27.86 2.75 14.03
N GLU B 306 -28.48 3.90 13.81
CA GLU B 306 -29.58 4.02 12.85
C GLU B 306 -29.03 3.96 11.43
N PRO B 307 -29.85 3.61 10.43
CA PRO B 307 -29.36 3.62 9.04
C PRO B 307 -28.69 4.94 8.66
N GLY B 308 -27.55 4.87 7.96
CA GLY B 308 -26.81 6.07 7.58
C GLY B 308 -25.92 6.69 8.65
N GLU B 309 -26.04 6.24 9.91
CA GLU B 309 -25.23 6.77 11.01
C GLU B 309 -23.83 6.15 11.10
N GLU B 310 -22.92 6.91 11.71
CA GLU B 310 -21.58 6.44 12.08
C GLU B 310 -21.13 7.04 13.44
N THR B 311 -20.37 6.26 14.20
CA THR B 311 -19.75 6.70 15.47
C THR B 311 -18.25 6.35 15.47
N THR B 312 -17.43 7.27 15.98
CA THR B 312 -16.00 7.00 16.21
C THR B 312 -15.66 6.79 17.68
N ALA B 313 -15.13 5.60 18.02
CA ALA B 313 -14.67 5.31 19.40
C ALA B 313 -13.14 5.47 19.49
N LYS B 314 -12.65 6.32 20.39
CA LYS B 314 -11.23 6.67 20.40
C LYS B 314 -10.49 6.08 21.59
N SER B 315 -9.26 5.63 21.34
CA SER B 315 -8.29 5.29 22.38
C SER B 315 -6.86 5.50 21.85
N SER B 316 -5.87 5.39 22.73
CA SER B 316 -4.50 5.71 22.38
C SER B 316 -3.50 5.10 23.37
N ILE B 317 -2.29 4.85 22.88
CA ILE B 317 -1.20 4.30 23.72
C ILE B 317 -0.01 5.22 23.64
N THR B 318 0.33 5.78 24.80
CA THR B 318 1.42 6.72 24.94
C THR B 318 2.57 6.09 25.72
N ILE B 319 3.79 6.34 25.27
CA ILE B 319 4.97 5.82 25.94
C ILE B 319 5.76 6.94 26.60
N GLU B 320 6.04 6.80 27.89
CA GLU B 320 6.85 7.81 28.62
C GLU B 320 8.09 7.21 29.28
N LEU B 321 9.22 7.90 29.22
CA LEU B 321 10.39 7.49 30.01
C LEU B 321 10.86 8.57 30.98
N ASN B 322 11.51 8.14 32.06
CA ASN B 322 11.89 9.07 33.12
C ASN B 322 13.16 8.70 33.86
N HIS B 323 13.30 9.51 34.91
CA HIS B 323 14.40 9.59 35.82
C HIS B 323 13.96 10.09 37.17
#